data_8GXK
#
_entry.id   8GXK
#
_cell.length_a   42.876
_cell.length_b   100.687
_cell.length_c   94.618
_cell.angle_alpha   90.000
_cell.angle_beta   96.199
_cell.angle_gamma   90.000
#
_symmetry.space_group_name_H-M   'P 1 21 1'
#
loop_
_entity.id
_entity.type
_entity.pdbx_description
1 polymer 'Protein N-acetyltransferase, RimJ/RimL family'
2 non-polymer 'COENZYME A'
3 water water
#
_entity_poly.entity_id   1
_entity_poly.type   'polypeptide(L)'
_entity_poly.pdbx_seq_one_letter_code
;MFRPLPITLQRGALRLEPMVEADVPELVELADANREVLQYMSAPQRPDWYRQAIADQREGRALPLVVRLGNRIVGTTRFL
DFMPALPACEIGGTWLEQSQHGMGLNASMKYLMLRHAFDSWQMVRVQLKTAASNLRSQRAIEKLGAVREGVLRNHRRLAG
GRLDDSVLYSITDHEWPQVKAALEAGFSG
;
_entity_poly.pdbx_strand_id   A,B,C,D
#
# COMPACT_ATOMS: atom_id res chain seq x y z
N LEU A 5 21.03 -14.28 -10.85
CA LEU A 5 21.64 -15.31 -11.71
C LEU A 5 20.65 -16.01 -12.62
N PRO A 6 21.12 -16.50 -13.76
CA PRO A 6 20.18 -17.02 -14.78
C PRO A 6 19.30 -18.15 -14.26
N ILE A 7 18.12 -18.29 -14.87
CA ILE A 7 17.16 -19.30 -14.45
C ILE A 7 16.32 -19.74 -15.66
N THR A 8 15.82 -20.96 -15.57
CA THR A 8 14.87 -21.54 -16.51
C THR A 8 13.61 -21.95 -15.77
N LEU A 9 12.47 -21.51 -16.28
CA LEU A 9 11.17 -21.67 -15.63
C LEU A 9 10.29 -22.47 -16.55
N GLN A 10 9.41 -23.29 -16.00
CA GLN A 10 8.56 -24.07 -16.87
C GLN A 10 7.23 -24.36 -16.23
N ARG A 11 6.25 -24.55 -17.10
CA ARG A 11 4.91 -24.93 -16.68
C ARG A 11 4.24 -25.61 -17.87
N GLY A 12 4.32 -26.93 -17.88
CA GLY A 12 3.70 -27.71 -18.94
C GLY A 12 4.41 -27.47 -20.23
N ALA A 13 3.66 -27.07 -21.25
CA ALA A 13 4.20 -26.82 -22.58
C ALA A 13 5.02 -25.55 -22.65
N LEU A 14 4.91 -24.67 -21.65
CA LEU A 14 5.58 -23.38 -21.69
C LEU A 14 6.91 -23.53 -20.97
N ARG A 15 7.97 -23.00 -21.58
CA ARG A 15 9.29 -22.96 -20.97
C ARG A 15 9.91 -21.59 -21.23
N LEU A 16 10.39 -20.97 -20.16
CA LEU A 16 11.14 -19.71 -20.23
C LEU A 16 12.62 -20.04 -20.04
N GLU A 17 13.43 -19.80 -21.08
CA GLU A 17 14.83 -20.17 -21.04
C GLU A 17 15.70 -18.97 -21.34
N PRO A 18 16.92 -18.95 -20.81
CA PRO A 18 17.83 -17.85 -21.11
C PRO A 18 17.97 -17.68 -22.61
N MET A 19 17.95 -16.41 -23.04
CA MET A 19 18.15 -16.10 -24.45
C MET A 19 19.64 -16.17 -24.80
N VAL A 20 19.93 -16.78 -25.94
CA VAL A 20 21.29 -16.91 -26.45
C VAL A 20 21.33 -16.37 -27.87
N GLU A 21 22.57 -16.11 -28.33
CA GLU A 21 22.76 -15.57 -29.67
C GLU A 21 22.05 -16.39 -30.74
N ALA A 22 22.04 -17.71 -30.60
CA ALA A 22 21.37 -18.60 -31.55
C ALA A 22 19.87 -18.33 -31.68
N ASP A 23 19.24 -17.72 -30.68
CA ASP A 23 17.82 -17.46 -30.75
C ASP A 23 17.50 -16.22 -31.58
N VAL A 24 18.46 -15.32 -31.78
CA VAL A 24 18.14 -13.99 -32.30
C VAL A 24 17.51 -14.09 -33.69
N PRO A 25 18.04 -14.87 -34.62
CA PRO A 25 17.45 -14.84 -35.97
C PRO A 25 16.00 -15.29 -35.99
N GLU A 26 15.65 -16.29 -35.19
CA GLU A 26 14.27 -16.79 -35.16
C GLU A 26 13.33 -15.78 -34.51
N LEU A 27 13.81 -15.09 -33.47
CA LEU A 27 13.02 -14.03 -32.83
C LEU A 27 12.74 -12.89 -33.78
N VAL A 28 13.73 -12.50 -34.57
CA VAL A 28 13.54 -11.38 -35.48
C VAL A 28 12.60 -11.77 -36.60
N GLU A 29 12.79 -12.97 -37.18
CA GLU A 29 11.84 -13.47 -38.18
C GLU A 29 10.42 -13.54 -37.63
N LEU A 30 10.25 -13.99 -36.38
CA LEU A 30 8.90 -14.05 -35.81
C LEU A 30 8.36 -12.66 -35.55
N ALA A 31 9.18 -11.75 -35.04
CA ALA A 31 8.69 -10.40 -34.86
C ALA A 31 8.25 -9.79 -36.18
N ASP A 32 9.02 -9.97 -37.25
CA ASP A 32 8.65 -9.35 -38.52
C ASP A 32 7.38 -9.98 -39.08
N ALA A 33 7.15 -11.26 -38.82
CA ALA A 33 5.91 -11.89 -39.24
C ALA A 33 4.73 -11.34 -38.46
N ASN A 34 4.99 -10.81 -37.27
CA ASN A 34 3.95 -10.30 -36.38
C ASN A 34 4.01 -8.78 -36.27
N ARG A 35 4.46 -8.08 -37.30
CA ARG A 35 4.84 -6.69 -37.06
C ARG A 35 3.63 -5.85 -36.66
N GLU A 36 2.44 -6.16 -37.17
CA GLU A 36 1.27 -5.37 -36.82
C GLU A 36 1.05 -5.34 -35.31
N VAL A 37 1.16 -6.51 -34.67
CA VAL A 37 0.92 -6.63 -33.23
C VAL A 37 1.97 -5.96 -32.39
N LEU A 38 3.14 -5.66 -32.96
CA LEU A 38 4.29 -5.20 -32.19
C LEU A 38 4.52 -3.71 -32.37
N GLN A 39 3.50 -2.97 -32.77
CA GLN A 39 3.70 -1.56 -33.09
C GLN A 39 4.00 -0.74 -31.85
N TYR A 40 3.62 -1.19 -30.65
CA TYR A 40 3.84 -0.43 -29.41
C TYR A 40 5.21 -0.67 -28.82
N MET A 41 6.01 -1.57 -29.39
CA MET A 41 7.35 -1.81 -28.87
C MET A 41 8.33 -1.01 -29.68
N SER A 42 9.52 -0.87 -29.09
CA SER A 42 10.59 0.01 -29.55
C SER A 42 11.17 -0.41 -30.89
N ALA A 43 11.69 -1.62 -30.96
CA ALA A 43 12.44 -2.08 -32.10
C ALA A 43 12.49 -3.60 -32.03
N PRO A 44 11.34 -4.25 -32.04
CA PRO A 44 11.31 -5.72 -32.00
C PRO A 44 11.84 -6.34 -33.25
N GLN A 45 11.96 -5.55 -34.34
CA GLN A 45 12.48 -6.01 -35.62
C GLN A 45 13.99 -5.95 -35.72
N ARG A 46 14.68 -5.39 -34.73
CA ARG A 46 16.10 -5.16 -34.84
C ARG A 46 16.87 -6.26 -34.13
N PRO A 47 17.80 -6.93 -34.81
CA PRO A 47 18.65 -7.89 -34.09
C PRO A 47 19.36 -7.28 -32.89
N ASP A 48 19.76 -6.01 -32.95
CA ASP A 48 20.57 -5.50 -31.84
C ASP A 48 19.73 -5.24 -30.59
N TRP A 49 18.40 -5.18 -30.72
CA TRP A 49 17.59 -5.18 -29.49
C TRP A 49 17.81 -6.45 -28.68
N TYR A 50 17.87 -7.61 -29.36
CA TYR A 50 18.07 -8.89 -28.68
C TYR A 50 19.51 -9.06 -28.23
N ARG A 51 20.48 -8.57 -29.01
CA ARG A 51 21.87 -8.72 -28.61
C ARG A 51 22.23 -7.81 -27.43
N GLN A 52 21.63 -6.61 -27.39
CA GLN A 52 21.91 -5.74 -26.25
C GLN A 52 21.37 -6.39 -24.99
N ALA A 53 20.27 -7.13 -25.12
CA ALA A 53 19.75 -7.84 -23.95
C ALA A 53 20.70 -8.93 -23.52
N ILE A 54 21.28 -9.65 -24.48
CA ILE A 54 22.26 -10.69 -24.15
C ILE A 54 23.51 -10.07 -23.53
N ALA A 55 23.96 -8.92 -24.08
CA ALA A 55 25.10 -8.20 -23.51
C ALA A 55 24.77 -7.67 -22.11
N ASP A 56 23.54 -7.16 -21.92
CA ASP A 56 23.15 -6.68 -20.60
C ASP A 56 23.26 -7.80 -19.58
N GLN A 57 22.90 -9.01 -19.97
CA GLN A 57 23.02 -10.13 -19.04
C GLN A 57 24.46 -10.32 -18.60
N ARG A 58 25.40 -10.18 -19.53
CA ARG A 58 26.81 -10.30 -19.17
C ARG A 58 27.18 -9.33 -18.06
N GLU A 59 26.61 -8.13 -18.10
CA GLU A 59 26.91 -7.08 -17.14
C GLU A 59 25.99 -7.08 -15.93
N GLY A 60 25.21 -8.13 -15.73
CA GLY A 60 24.34 -8.22 -14.58
C GLY A 60 23.15 -7.32 -14.62
N ARG A 61 22.80 -6.79 -15.81
CA ARG A 61 21.75 -5.79 -15.87
C ARG A 61 20.39 -6.34 -16.27
N ALA A 62 20.32 -7.55 -16.84
CA ALA A 62 19.08 -8.09 -17.36
C ALA A 62 19.18 -9.61 -17.40
N LEU A 63 18.00 -10.26 -17.34
CA LEU A 63 17.88 -11.69 -17.58
C LEU A 63 16.88 -11.86 -18.71
N PRO A 64 17.33 -11.82 -19.98
CA PRO A 64 16.41 -11.97 -21.13
C PRO A 64 16.07 -13.44 -21.32
N LEU A 65 14.79 -13.70 -21.58
CA LEU A 65 14.25 -15.04 -21.73
C LEU A 65 13.57 -15.20 -23.09
N VAL A 66 13.65 -16.42 -23.62
CA VAL A 66 12.86 -16.84 -24.77
C VAL A 66 11.70 -17.67 -24.27
N VAL A 67 10.52 -17.41 -24.83
CA VAL A 67 9.30 -18.15 -24.51
C VAL A 67 9.16 -19.28 -25.52
N ARG A 68 9.17 -20.52 -25.04
CA ARG A 68 8.88 -21.66 -25.90
C ARG A 68 7.56 -22.32 -25.47
N LEU A 69 6.78 -22.65 -26.51
CA LEU A 69 5.51 -23.35 -26.41
C LEU A 69 5.68 -24.64 -27.20
N GLY A 70 5.64 -25.77 -26.49
CA GLY A 70 5.93 -27.03 -27.16
C GLY A 70 7.18 -26.96 -28.02
N ASN A 71 8.27 -26.42 -27.48
CA ASN A 71 9.60 -26.32 -28.06
C ASN A 71 9.73 -25.30 -29.17
N ARG A 72 8.67 -24.57 -29.49
CA ARG A 72 8.69 -23.57 -30.56
C ARG A 72 8.77 -22.18 -29.96
N ILE A 73 9.67 -21.34 -30.48
CA ILE A 73 9.77 -19.96 -30.01
C ILE A 73 8.51 -19.23 -30.41
N VAL A 74 7.85 -18.62 -29.42
CA VAL A 74 6.65 -17.82 -29.67
C VAL A 74 6.77 -16.39 -29.17
N GLY A 75 7.91 -16.00 -28.60
CA GLY A 75 8.06 -14.65 -28.08
C GLY A 75 9.22 -14.55 -27.09
N THR A 76 9.20 -13.46 -26.32
CA THR A 76 10.31 -13.14 -25.42
C THR A 76 9.76 -12.33 -24.26
N THR A 77 10.52 -12.32 -23.16
CA THR A 77 10.28 -11.49 -21.97
C THR A 77 11.60 -11.39 -21.21
N ARG A 78 11.65 -10.50 -20.21
CA ARG A 78 12.90 -10.29 -19.50
C ARG A 78 12.70 -9.64 -18.13
N PHE A 79 13.59 -10.00 -17.20
CA PHE A 79 13.80 -9.26 -15.97
C PHE A 79 14.82 -8.18 -16.28
N LEU A 80 14.64 -6.98 -15.75
CA LEU A 80 15.67 -5.95 -15.94
C LEU A 80 15.59 -4.96 -14.79
N ASP A 81 16.41 -3.92 -14.82
CA ASP A 81 16.32 -2.81 -13.86
C ASP A 81 16.35 -3.31 -12.40
N PHE A 82 17.40 -4.09 -12.10
CA PHE A 82 17.57 -4.66 -10.77
C PHE A 82 18.04 -3.56 -9.84
N MET A 83 17.42 -3.51 -8.66
CA MET A 83 17.73 -2.58 -7.58
C MET A 83 18.16 -3.42 -6.38
N PRO A 84 19.43 -3.79 -6.31
CA PRO A 84 19.84 -4.85 -5.36
C PRO A 84 19.67 -4.49 -3.89
N ALA A 85 19.70 -3.22 -3.52
CA ALA A 85 19.58 -2.84 -2.12
C ALA A 85 18.19 -3.07 -1.57
N LEU A 86 17.21 -3.35 -2.44
CA LEU A 86 15.83 -3.36 -1.94
C LEU A 86 15.42 -4.78 -1.51
N PRO A 87 15.46 -5.79 -2.39
CA PRO A 87 15.79 -5.81 -3.82
C PRO A 87 14.51 -5.64 -4.61
N ALA A 88 14.64 -5.12 -5.83
CA ALA A 88 13.49 -4.84 -6.67
C ALA A 88 13.92 -5.11 -8.09
N CYS A 89 12.94 -5.34 -8.97
CA CYS A 89 13.27 -5.44 -10.38
C CYS A 89 12.04 -5.09 -11.23
N GLU A 90 12.20 -5.24 -12.55
CA GLU A 90 11.16 -5.03 -13.56
C GLU A 90 10.98 -6.28 -14.40
N ILE A 91 9.74 -6.57 -14.79
CA ILE A 91 9.46 -7.52 -15.86
C ILE A 91 9.12 -6.69 -17.08
N GLY A 92 9.82 -6.90 -18.16
CA GLY A 92 9.61 -6.01 -19.30
C GLY A 92 9.98 -6.64 -20.61
N GLY A 93 9.91 -5.91 -21.73
CA GLY A 93 10.39 -6.49 -22.99
C GLY A 93 9.59 -7.70 -23.44
N THR A 94 8.31 -7.76 -23.07
CA THR A 94 7.51 -8.91 -23.33
C THR A 94 6.81 -8.81 -24.68
N TRP A 95 6.92 -9.83 -25.52
CA TRP A 95 5.98 -9.88 -26.63
C TRP A 95 5.78 -11.33 -27.06
N LEU A 96 4.56 -11.61 -27.53
CA LEU A 96 4.13 -12.90 -28.04
C LEU A 96 3.58 -12.76 -29.46
N GLU A 97 3.76 -13.79 -30.27
CA GLU A 97 3.08 -13.78 -31.57
C GLU A 97 1.56 -13.69 -31.36
N GLN A 98 0.87 -13.12 -32.36
CA GLN A 98 -0.56 -12.86 -32.22
C GLN A 98 -1.33 -14.10 -31.81
N SER A 99 -1.04 -15.24 -32.44
CA SER A 99 -1.86 -16.43 -32.18
C SER A 99 -1.80 -16.91 -30.73
N GLN A 100 -0.87 -16.39 -29.92
CA GLN A 100 -0.86 -16.74 -28.51
C GLN A 100 -1.59 -15.70 -27.66
N HIS A 101 -2.06 -14.60 -28.23
CA HIS A 101 -2.79 -13.60 -27.47
C HIS A 101 -4.12 -14.15 -27.03
N GLY A 102 -4.44 -13.99 -25.76
CA GLY A 102 -5.68 -14.52 -25.24
C GLY A 102 -5.65 -15.96 -24.80
N MET A 103 -4.53 -16.63 -24.94
CA MET A 103 -4.46 -18.07 -24.70
C MET A 103 -4.04 -18.44 -23.28
N GLY A 104 -3.87 -17.44 -22.42
CA GLY A 104 -3.39 -17.67 -21.09
C GLY A 104 -1.91 -17.81 -20.95
N LEU A 105 -1.14 -17.62 -22.02
CA LEU A 105 0.30 -17.82 -21.94
C LEU A 105 0.97 -16.71 -21.15
N ASN A 106 0.54 -15.46 -21.38
CA ASN A 106 1.08 -14.33 -20.64
C ASN A 106 0.90 -14.54 -19.14
N ALA A 107 -0.33 -14.96 -18.75
CA ALA A 107 -0.61 -15.20 -17.34
C ALA A 107 0.34 -16.24 -16.76
N SER A 108 0.54 -17.36 -17.46
CA SER A 108 1.49 -18.38 -16.98
C SER A 108 2.90 -17.81 -16.84
N MET A 109 3.31 -17.01 -17.82
CA MET A 109 4.64 -16.38 -17.82
C MET A 109 4.79 -15.46 -16.62
N LYS A 110 3.83 -14.56 -16.43
CA LYS A 110 3.87 -13.64 -15.30
C LYS A 110 3.83 -14.38 -13.95
N TYR A 111 3.03 -15.44 -13.84
CA TYR A 111 3.03 -16.23 -12.61
C TYR A 111 4.41 -16.84 -12.32
N LEU A 112 5.03 -17.46 -13.33
CA LEU A 112 6.33 -18.09 -13.13
C LEU A 112 7.38 -17.06 -12.73
N MET A 113 7.38 -15.91 -13.40
CA MET A 113 8.41 -14.92 -13.18
C MET A 113 8.20 -14.15 -11.87
N LEU A 114 6.94 -13.83 -11.58
CA LEU A 114 6.59 -13.18 -10.31
C LEU A 114 6.80 -14.09 -9.11
N ARG A 115 6.43 -15.37 -9.22
CA ARG A 115 6.76 -16.31 -8.16
C ARG A 115 8.25 -16.40 -7.94
N HIS A 116 9.04 -16.47 -9.03
CA HIS A 116 10.47 -16.53 -8.82
C HIS A 116 10.97 -15.28 -8.08
N ALA A 117 10.54 -14.11 -8.54
CA ALA A 117 11.03 -12.85 -7.97
C ALA A 117 10.66 -12.71 -6.49
N PHE A 118 9.44 -13.06 -6.13
CA PHE A 118 9.05 -12.95 -4.73
C PHE A 118 9.55 -14.13 -3.89
N ASP A 119 9.31 -15.36 -4.33
CA ASP A 119 9.60 -16.50 -3.47
C ASP A 119 11.09 -16.81 -3.40
N SER A 120 11.79 -16.67 -4.52
CA SER A 120 13.20 -17.07 -4.62
C SER A 120 14.17 -15.90 -4.49
N TRP A 121 13.85 -14.76 -5.10
CA TRP A 121 14.70 -13.58 -4.93
C TRP A 121 14.31 -12.68 -3.78
N GLN A 122 13.18 -12.94 -3.13
CA GLN A 122 12.69 -12.14 -2.02
C GLN A 122 12.62 -10.67 -2.36
N MET A 123 12.13 -10.38 -3.56
CA MET A 123 11.90 -9.02 -4.00
C MET A 123 10.82 -8.34 -3.15
N VAL A 124 11.02 -7.03 -2.95
CA VAL A 124 10.08 -6.15 -2.29
C VAL A 124 9.19 -5.41 -3.31
N ARG A 125 9.58 -5.42 -4.58
CA ARG A 125 8.86 -4.67 -5.60
C ARG A 125 9.24 -5.27 -6.95
N VAL A 126 8.22 -5.56 -7.76
CA VAL A 126 8.39 -5.86 -9.19
C VAL A 126 7.56 -4.83 -9.96
N GLN A 127 8.20 -4.09 -10.85
CA GLN A 127 7.48 -3.12 -11.66
C GLN A 127 7.29 -3.60 -13.10
N LEU A 128 6.26 -3.03 -13.74
CA LEU A 128 5.94 -3.27 -15.15
C LEU A 128 5.46 -1.96 -15.74
N LYS A 129 5.89 -1.67 -16.97
CA LYS A 129 5.43 -0.47 -17.67
C LYS A 129 5.05 -0.82 -19.10
N THR A 130 4.17 -0.01 -19.68
CA THR A 130 3.71 -0.24 -21.02
C THR A 130 3.31 1.12 -21.60
N ALA A 131 3.22 1.16 -22.92
CA ALA A 131 2.86 2.41 -23.60
C ALA A 131 1.44 2.87 -23.22
N ALA A 132 1.30 4.18 -22.99
CA ALA A 132 -0.05 4.70 -22.68
C ALA A 132 -1.06 4.44 -23.81
N SER A 133 -0.59 4.28 -25.05
CA SER A 133 -1.49 3.99 -26.16
C SER A 133 -1.75 2.50 -26.32
N ASN A 134 -1.12 1.65 -25.49
CA ASN A 134 -1.22 0.19 -25.65
C ASN A 134 -2.25 -0.36 -24.67
N LEU A 135 -3.52 -0.24 -25.07
CA LEU A 135 -4.63 -0.55 -24.16
C LEU A 135 -4.70 -2.04 -23.84
N ARG A 136 -4.41 -2.93 -24.81
CA ARG A 136 -4.47 -4.37 -24.51
C ARG A 136 -3.43 -4.77 -23.48
N SER A 137 -2.24 -4.18 -23.54
CA SER A 137 -1.21 -4.50 -22.57
C SER A 137 -1.57 -3.95 -21.19
N GLN A 138 -2.11 -2.73 -21.15
CA GLN A 138 -2.60 -2.22 -19.88
C GLN A 138 -3.62 -3.14 -19.24
N ARG A 139 -4.55 -3.65 -20.03
CA ARG A 139 -5.58 -4.52 -19.47
C ARG A 139 -4.97 -5.82 -18.93
N ALA A 140 -4.07 -6.43 -19.71
CA ALA A 140 -3.34 -7.62 -19.25
C ALA A 140 -2.65 -7.34 -17.92
N ILE A 141 -2.05 -6.16 -17.78
CA ILE A 141 -1.38 -5.87 -16.50
C ILE A 141 -2.40 -5.64 -15.39
N GLU A 142 -3.45 -4.87 -15.67
CA GLU A 142 -4.49 -4.65 -14.68
C GLU A 142 -5.11 -5.96 -14.23
N LYS A 143 -5.26 -6.92 -15.15
CA LYS A 143 -5.80 -8.23 -14.78
C LYS A 143 -4.94 -8.91 -13.73
N LEU A 144 -3.61 -8.67 -13.73
CA LEU A 144 -2.75 -9.24 -12.68
C LEU A 144 -3.07 -8.69 -11.32
N GLY A 145 -3.71 -7.51 -11.25
CA GLY A 145 -3.85 -6.79 -10.01
C GLY A 145 -2.71 -5.85 -9.68
N ALA A 146 -1.76 -5.67 -10.60
CA ALA A 146 -0.71 -4.68 -10.40
C ALA A 146 -1.31 -3.30 -10.18
N VAL A 147 -0.68 -2.54 -9.31
CA VAL A 147 -1.15 -1.21 -8.91
C VAL A 147 -0.61 -0.16 -9.87
N ARG A 148 -1.50 0.62 -10.45
CA ARG A 148 -1.13 1.72 -11.35
C ARG A 148 -0.54 2.85 -10.52
N GLU A 149 0.73 3.14 -10.76
CA GLU A 149 1.41 4.17 -9.99
C GLU A 149 1.41 5.54 -10.69
N GLY A 150 1.40 5.59 -12.01
CA GLY A 150 1.26 6.89 -12.64
C GLY A 150 1.62 6.81 -14.10
N VAL A 151 1.48 7.97 -14.73
CA VAL A 151 1.74 8.10 -16.16
C VAL A 151 3.06 8.85 -16.27
N LEU A 152 4.03 8.23 -16.95
CA LEU A 152 5.33 8.87 -17.18
C LEU A 152 5.33 9.45 -18.58
N ARG A 153 5.44 10.79 -18.67
CA ARG A 153 5.32 11.49 -19.92
C ARG A 153 6.62 11.41 -20.70
N ASN A 154 6.49 11.29 -22.00
CA ASN A 154 7.60 11.25 -22.96
C ASN A 154 8.67 10.25 -22.58
N HIS A 155 8.26 8.99 -22.46
CA HIS A 155 9.04 8.00 -21.74
C HIS A 155 9.36 6.82 -22.63
N ARG A 156 8.93 6.84 -23.88
CA ARG A 156 9.17 5.73 -24.78
C ARG A 156 8.95 6.15 -26.23
N ARG A 157 9.54 5.42 -27.14
CA ARG A 157 9.15 5.57 -28.54
C ARG A 157 8.53 4.28 -29.02
N LEU A 158 7.53 4.40 -29.88
CA LEU A 158 6.84 3.26 -30.45
C LEU A 158 7.66 2.74 -31.63
N ALA A 159 7.20 1.66 -32.25
CA ALA A 159 8.02 1.00 -33.27
C ALA A 159 8.37 1.92 -34.45
N GLY A 160 7.43 2.76 -34.85
CA GLY A 160 7.69 3.68 -35.94
C GLY A 160 8.27 5.01 -35.51
N GLY A 161 8.75 5.11 -34.27
CA GLY A 161 9.50 6.28 -33.82
C GLY A 161 8.70 7.31 -33.03
N ARG A 162 7.37 7.17 -32.98
CA ARG A 162 6.54 8.13 -32.31
C ARG A 162 6.78 8.10 -30.80
N LEU A 163 6.80 9.30 -30.20
CA LEU A 163 6.90 9.45 -28.76
C LEU A 163 5.56 9.11 -28.09
N ASP A 164 5.63 8.41 -26.97
CA ASP A 164 4.45 8.08 -26.18
C ASP A 164 4.81 8.19 -24.70
N ASP A 165 3.78 8.34 -23.88
CA ASP A 165 3.88 8.15 -22.45
C ASP A 165 3.94 6.67 -22.09
N SER A 166 4.38 6.38 -20.86
CA SER A 166 4.31 5.04 -20.30
C SER A 166 3.37 5.07 -19.11
N VAL A 167 2.67 3.96 -18.89
CA VAL A 167 1.97 3.73 -17.64
C VAL A 167 2.81 2.78 -16.79
N LEU A 168 3.04 3.13 -15.54
CA LEU A 168 3.90 2.38 -14.64
C LEU A 168 3.04 1.70 -13.58
N TYR A 169 3.27 0.42 -13.38
CA TYR A 169 2.59 -0.38 -12.37
C TYR A 169 3.60 -1.08 -11.48
N SER A 170 3.16 -1.50 -10.30
CA SER A 170 4.00 -2.41 -9.55
C SER A 170 3.20 -3.36 -8.68
N ILE A 171 3.92 -4.34 -8.14
CA ILE A 171 3.42 -5.29 -7.17
C ILE A 171 4.44 -5.35 -6.06
N THR A 172 3.97 -5.19 -4.83
CA THR A 172 4.87 -5.30 -3.69
C THR A 172 4.87 -6.73 -3.14
N ASP A 173 5.85 -7.00 -2.26
CA ASP A 173 5.87 -8.34 -1.72
C ASP A 173 4.64 -8.58 -0.89
N HIS A 174 4.14 -7.53 -0.22
CA HIS A 174 2.93 -7.67 0.56
C HIS A 174 1.73 -8.09 -0.30
N GLU A 175 1.69 -7.59 -1.52
CA GLU A 175 0.60 -7.78 -2.45
C GLU A 175 0.70 -9.08 -3.18
N TRP A 176 1.85 -9.76 -3.11
CA TRP A 176 2.04 -10.97 -3.90
C TRP A 176 0.95 -12.01 -3.62
N PRO A 177 0.54 -12.28 -2.37
CA PRO A 177 -0.47 -13.34 -2.18
C PRO A 177 -1.72 -13.09 -2.99
N GLN A 178 -2.15 -11.83 -2.97
CA GLN A 178 -3.30 -11.32 -3.72
C GLN A 178 -3.18 -11.62 -5.22
N VAL A 179 -2.04 -11.28 -5.81
CA VAL A 179 -1.77 -11.50 -7.23
C VAL A 179 -1.66 -12.98 -7.56
N LYS A 180 -0.93 -13.73 -6.73
CA LYS A 180 -0.83 -15.17 -6.93
C LYS A 180 -2.22 -15.80 -6.99
N ALA A 181 -3.09 -15.42 -6.06
CA ALA A 181 -4.44 -15.96 -6.02
C ALA A 181 -5.19 -15.65 -7.31
N ALA A 182 -5.02 -14.43 -7.83
CA ALA A 182 -5.81 -14.01 -8.97
C ALA A 182 -5.35 -14.75 -10.22
N LEU A 183 -4.04 -15.01 -10.32
CA LEU A 183 -3.54 -15.78 -11.45
C LEU A 183 -4.00 -17.24 -11.35
N GLU A 184 -3.81 -17.89 -10.19
CA GLU A 184 -4.28 -19.25 -9.98
C GLU A 184 -5.79 -19.37 -10.22
N ALA A 185 -6.56 -18.32 -9.89
CA ALA A 185 -8.00 -18.33 -10.20
C ALA A 185 -8.23 -18.42 -11.71
N GLY A 186 -7.39 -17.76 -12.50
CA GLY A 186 -7.51 -17.85 -13.93
C GLY A 186 -7.15 -19.23 -14.47
N PHE A 187 -6.09 -19.82 -13.93
CA PHE A 187 -5.66 -21.11 -14.46
C PHE A 187 -6.84 -22.07 -14.59
N SER A 188 -7.61 -22.15 -13.47
CA SER A 188 -8.82 -22.97 -13.23
C SER A 188 -10.13 -22.28 -13.62
N GLY A 189 -10.10 -21.23 -14.44
CA GLY A 189 -11.31 -20.44 -14.69
C GLY A 189 -11.92 -19.77 -13.46
N PHE B 2 22.12 14.07 -28.00
CA PHE B 2 22.66 13.72 -26.69
C PHE B 2 23.85 12.77 -26.73
N ARG B 3 24.92 13.20 -26.05
CA ARG B 3 26.09 12.40 -25.76
C ARG B 3 26.40 12.62 -24.28
N PRO B 4 26.61 11.59 -23.50
CA PRO B 4 26.77 11.88 -22.04
C PRO B 4 28.19 12.35 -21.75
N LEU B 5 28.50 13.55 -22.25
CA LEU B 5 29.88 13.99 -22.04
C LEU B 5 30.01 14.94 -20.84
N PRO B 6 31.12 14.84 -20.08
CA PRO B 6 31.26 15.71 -18.89
C PRO B 6 31.37 17.17 -19.29
N ILE B 7 30.78 18.03 -18.44
CA ILE B 7 30.70 19.47 -18.68
C ILE B 7 30.86 20.19 -17.35
N THR B 8 31.27 21.45 -17.42
CA THR B 8 31.21 22.38 -16.29
C THR B 8 30.12 23.38 -16.61
N LEU B 9 29.25 23.64 -15.61
CA LEU B 9 28.17 24.62 -15.72
C LEU B 9 28.38 25.72 -14.67
N GLN B 10 28.11 26.95 -15.06
CA GLN B 10 28.57 28.07 -14.26
C GLN B 10 27.55 29.18 -14.22
N ARG B 11 27.49 29.79 -13.06
CA ARG B 11 26.52 30.85 -12.80
C ARG B 11 27.07 31.68 -11.66
N GLY B 12 27.50 32.90 -11.95
CA GLY B 12 28.02 33.73 -10.88
C GLY B 12 29.20 33.04 -10.22
N ALA B 13 29.14 32.94 -8.89
CA ALA B 13 30.19 32.27 -8.12
C ALA B 13 29.96 30.77 -8.01
N LEU B 14 28.93 30.27 -8.66
CA LEU B 14 28.50 28.89 -8.55
C LEU B 14 29.02 28.09 -9.73
N ARG B 15 29.76 27.02 -9.45
CA ARG B 15 30.20 26.10 -10.49
C ARG B 15 29.76 24.67 -10.18
N LEU B 16 29.23 23.98 -11.19
CA LEU B 16 28.99 22.55 -11.17
C LEU B 16 30.11 21.91 -12.00
N GLU B 17 31.00 21.16 -11.38
CA GLU B 17 32.16 20.64 -12.08
C GLU B 17 32.12 19.11 -12.07
N PRO B 18 32.69 18.48 -13.10
CA PRO B 18 32.76 17.01 -13.08
C PRO B 18 33.42 16.50 -11.80
N MET B 19 32.74 15.53 -11.17
CA MET B 19 33.26 14.92 -9.96
C MET B 19 34.39 13.96 -10.35
N VAL B 20 35.46 14.00 -9.57
CA VAL B 20 36.58 13.10 -9.78
C VAL B 20 36.93 12.40 -8.48
N GLU B 21 37.70 11.31 -8.62
CA GLU B 21 38.10 10.52 -7.46
C GLU B 21 38.69 11.36 -6.33
N ALA B 22 39.49 12.35 -6.66
CA ALA B 22 40.12 13.19 -5.64
C ALA B 22 39.10 13.95 -4.78
N ASP B 23 37.87 14.12 -5.27
CA ASP B 23 36.88 14.88 -4.54
C ASP B 23 36.20 14.06 -3.45
N VAL B 24 36.21 12.74 -3.55
CA VAL B 24 35.30 11.93 -2.75
C VAL B 24 35.55 12.11 -1.26
N PRO B 25 36.79 12.16 -0.77
CA PRO B 25 36.98 12.29 0.68
C PRO B 25 36.38 13.55 1.24
N GLU B 26 36.59 14.69 0.57
CA GLU B 26 35.99 15.93 1.05
C GLU B 26 34.47 15.87 1.02
N LEU B 27 33.89 15.28 -0.02
CA LEU B 27 32.44 15.13 -0.06
C LEU B 27 31.93 14.29 1.10
N VAL B 28 32.58 13.15 1.36
CA VAL B 28 32.11 12.28 2.43
C VAL B 28 32.25 12.99 3.78
N GLU B 29 33.36 13.71 3.97
CA GLU B 29 33.57 14.47 5.19
C GLU B 29 32.47 15.50 5.36
N LEU B 30 32.11 16.21 4.29
CA LEU B 30 31.05 17.22 4.41
C LEU B 30 29.70 16.56 4.69
N ALA B 31 29.41 15.43 4.04
CA ALA B 31 28.16 14.74 4.32
C ALA B 31 28.09 14.30 5.78
N ASP B 32 29.20 13.77 6.30
CA ASP B 32 29.24 13.41 7.70
C ASP B 32 28.94 14.61 8.59
N ALA B 33 29.46 15.79 8.25
CA ALA B 33 29.15 16.98 9.02
C ALA B 33 27.69 17.42 8.86
N ASN B 34 26.99 16.90 7.86
CA ASN B 34 25.60 17.24 7.64
C ASN B 34 24.68 16.04 7.74
N ARG B 35 25.04 15.07 8.58
CA ARG B 35 24.20 13.89 8.71
C ARG B 35 22.73 14.25 8.82
N GLU B 36 22.39 15.19 9.71
CA GLU B 36 21.00 15.39 10.10
C GLU B 36 20.11 15.71 8.90
N VAL B 37 20.60 16.54 7.99
CA VAL B 37 19.85 16.93 6.79
C VAL B 37 19.87 15.87 5.69
N LEU B 38 20.71 14.86 5.82
CA LEU B 38 20.83 13.89 4.75
C LEU B 38 20.14 12.57 5.07
N GLN B 39 19.25 12.56 6.06
CA GLN B 39 18.75 11.28 6.56
C GLN B 39 17.76 10.61 5.61
N TYR B 40 17.22 11.33 4.62
CA TYR B 40 16.29 10.75 3.67
C TYR B 40 17.00 10.21 2.43
N MET B 41 18.31 10.36 2.32
CA MET B 41 19.00 9.85 1.15
C MET B 41 19.59 8.49 1.48
N SER B 42 19.79 7.68 0.47
CA SER B 42 20.50 6.42 0.62
C SER B 42 21.94 6.66 0.19
N ALA B 43 22.81 6.69 1.13
CA ALA B 43 24.23 6.49 0.92
C ALA B 43 24.99 7.76 0.59
N PRO B 44 24.53 8.97 0.91
CA PRO B 44 25.39 10.14 0.72
C PRO B 44 26.62 10.13 1.60
N GLN B 45 26.63 9.36 2.69
CA GLN B 45 27.79 9.21 3.57
C GLN B 45 28.72 8.04 3.19
N ARG B 46 28.42 7.35 2.10
CA ARG B 46 29.22 6.20 1.67
C ARG B 46 30.11 6.54 0.46
N PRO B 47 31.43 6.45 0.60
CA PRO B 47 32.29 6.79 -0.53
C PRO B 47 31.92 6.05 -1.79
N ASP B 48 31.44 4.82 -1.67
CA ASP B 48 31.16 4.05 -2.87
C ASP B 48 30.04 4.66 -3.70
N TRP B 49 29.11 5.38 -3.06
CA TRP B 49 28.02 6.01 -3.80
C TRP B 49 28.53 7.05 -4.79
N TYR B 50 29.59 7.78 -4.42
CA TYR B 50 30.27 8.67 -5.35
C TYR B 50 31.15 7.88 -6.31
N ARG B 51 32.01 6.99 -5.80
CA ARG B 51 32.88 6.19 -6.67
C ARG B 51 32.08 5.50 -7.76
N GLN B 52 30.91 4.95 -7.41
CA GLN B 52 30.09 4.24 -8.40
C GLN B 52 29.64 5.14 -9.54
N ALA B 53 29.31 6.40 -9.24
CA ALA B 53 28.91 7.31 -10.29
C ALA B 53 30.08 7.68 -11.17
N ILE B 54 31.26 7.83 -10.55
CA ILE B 54 32.45 8.15 -11.33
C ILE B 54 32.75 7.02 -12.31
N ALA B 55 32.60 5.78 -11.82
CA ALA B 55 32.78 4.60 -12.65
C ALA B 55 31.76 4.55 -13.76
N ASP B 56 30.48 4.76 -13.41
CA ASP B 56 29.42 4.71 -14.40
C ASP B 56 29.64 5.74 -15.50
N GLN B 57 30.28 6.86 -15.17
CA GLN B 57 30.53 7.86 -16.19
C GLN B 57 31.45 7.32 -17.25
N ARG B 58 32.35 6.41 -16.88
CA ARG B 58 33.24 5.81 -17.87
C ARG B 58 32.47 5.11 -18.96
N GLU B 59 31.36 4.45 -18.60
CA GLU B 59 30.53 3.74 -19.54
C GLU B 59 29.38 4.59 -20.05
N GLY B 60 29.34 5.88 -19.75
CA GLY B 60 28.32 6.74 -20.31
C GLY B 60 27.00 6.72 -19.57
N ARG B 61 26.97 6.22 -18.33
CA ARG B 61 25.70 6.01 -17.66
C ARG B 61 25.39 7.02 -16.57
N ALA B 62 26.31 7.93 -16.27
CA ALA B 62 26.08 8.95 -15.25
C ALA B 62 27.07 10.09 -15.47
N LEU B 63 26.72 11.27 -14.95
CA LEU B 63 27.62 12.42 -14.95
C LEU B 63 27.50 13.03 -13.57
N PRO B 64 28.32 12.59 -12.61
CA PRO B 64 28.31 13.18 -11.26
C PRO B 64 29.05 14.51 -11.24
N LEU B 65 28.52 15.44 -10.45
CA LEU B 65 28.98 16.81 -10.37
C LEU B 65 29.19 17.21 -8.93
N VAL B 66 30.16 18.09 -8.72
CA VAL B 66 30.46 18.70 -7.43
C VAL B 66 29.98 20.11 -7.52
N VAL B 67 29.33 20.59 -6.46
CA VAL B 67 28.83 21.96 -6.40
C VAL B 67 29.86 22.78 -5.63
N ARG B 68 30.50 23.74 -6.29
CA ARG B 68 31.44 24.63 -5.62
C ARG B 68 30.88 26.04 -5.63
N LEU B 69 31.00 26.73 -4.49
CA LEU B 69 30.63 28.14 -4.34
C LEU B 69 31.87 28.88 -3.85
N GLY B 70 32.41 29.77 -4.67
CA GLY B 70 33.73 30.32 -4.36
C GLY B 70 34.79 29.25 -4.32
N ASN B 71 34.75 28.30 -5.24
CA ASN B 71 35.71 27.18 -5.32
C ASN B 71 35.72 26.36 -4.04
N ARG B 72 34.64 26.41 -3.27
CA ARG B 72 34.52 25.66 -2.03
C ARG B 72 33.44 24.60 -2.23
N ILE B 73 33.73 23.33 -1.88
CA ILE B 73 32.72 22.29 -2.07
C ILE B 73 31.56 22.54 -1.11
N VAL B 74 30.34 22.54 -1.65
CA VAL B 74 29.14 22.79 -0.86
C VAL B 74 28.07 21.73 -1.07
N GLY B 75 28.31 20.76 -1.93
CA GLY B 75 27.35 19.71 -2.15
C GLY B 75 27.63 19.04 -3.47
N THR B 76 26.62 18.33 -3.96
CA THR B 76 26.79 17.45 -5.10
C THR B 76 25.44 17.29 -5.78
N THR B 77 25.48 16.84 -7.03
CA THR B 77 24.30 16.48 -7.81
C THR B 77 24.77 15.69 -9.00
N ARG B 78 23.84 15.01 -9.68
CA ARG B 78 24.27 14.18 -10.80
C ARG B 78 23.17 14.03 -11.84
N PHE B 79 23.61 13.82 -13.08
CA PHE B 79 22.73 13.27 -14.11
C PHE B 79 22.90 11.76 -14.10
N LEU B 80 21.79 11.05 -14.28
CA LEU B 80 21.88 9.59 -14.34
C LEU B 80 20.66 9.04 -15.07
N ASP B 81 20.52 7.72 -15.10
CA ASP B 81 19.38 7.05 -15.77
C ASP B 81 19.13 7.61 -17.18
N PHE B 82 20.17 7.60 -17.99
CA PHE B 82 20.03 8.07 -19.36
C PHE B 82 19.24 7.07 -20.20
N MET B 83 18.29 7.61 -20.98
CA MET B 83 17.48 6.85 -21.94
C MET B 83 17.82 7.40 -23.32
N PRO B 84 18.81 6.83 -24.02
CA PRO B 84 19.33 7.52 -25.22
C PRO B 84 18.38 7.60 -26.39
N ALA B 85 17.42 6.67 -26.51
CA ALA B 85 16.51 6.66 -27.63
C ALA B 85 15.54 7.83 -27.61
N LEU B 86 15.38 8.53 -26.46
CA LEU B 86 14.25 9.45 -26.39
C LEU B 86 14.61 10.86 -26.83
N PRO B 87 15.65 11.49 -26.27
CA PRO B 87 16.52 11.10 -25.16
C PRO B 87 15.98 11.71 -23.86
N ALA B 88 16.38 11.17 -22.72
CA ALA B 88 15.76 11.47 -21.44
C ALA B 88 16.79 11.13 -20.37
N CYS B 89 16.61 11.71 -19.20
CA CYS B 89 17.53 11.43 -18.11
C CYS B 89 16.88 11.84 -16.79
N GLU B 90 17.58 11.56 -15.72
CA GLU B 90 17.21 11.95 -14.38
C GLU B 90 18.22 12.95 -13.81
N ILE B 91 17.74 13.90 -13.01
CA ILE B 91 18.59 14.71 -12.15
C ILE B 91 18.41 14.17 -10.75
N GLY B 92 19.49 13.66 -10.14
CA GLY B 92 19.31 13.07 -8.82
C GLY B 92 20.50 13.24 -7.92
N GLY B 93 20.51 12.55 -6.78
CA GLY B 93 21.69 12.55 -5.95
C GLY B 93 22.09 13.93 -5.49
N THR B 94 21.14 14.83 -5.31
CA THR B 94 21.43 16.20 -4.97
C THR B 94 21.42 16.41 -3.47
N TRP B 95 22.50 16.96 -2.94
CA TRP B 95 22.42 17.50 -1.60
C TRP B 95 23.35 18.68 -1.49
N LEU B 96 23.00 19.60 -0.61
CA LEU B 96 23.82 20.73 -0.23
C LEU B 96 23.98 20.75 1.29
N GLU B 97 25.12 21.24 1.76
CA GLU B 97 25.27 21.51 3.18
C GLU B 97 24.13 22.39 3.69
N GLN B 98 23.81 22.20 4.98
CA GLN B 98 22.63 22.82 5.54
C GLN B 98 22.67 24.34 5.40
N SER B 99 23.87 24.91 5.55
CA SER B 99 24.02 26.35 5.49
C SER B 99 23.58 26.94 4.16
N GLN B 100 23.39 26.13 3.12
CA GLN B 100 23.01 26.65 1.82
C GLN B 100 21.53 26.42 1.52
N HIS B 101 20.80 25.74 2.41
CA HIS B 101 19.38 25.53 2.21
C HIS B 101 18.62 26.86 2.27
N GLY B 102 17.82 27.08 1.23
CA GLY B 102 17.04 28.28 1.15
C GLY B 102 17.77 29.51 0.67
N MET B 103 19.04 29.38 0.30
CA MET B 103 19.86 30.49 -0.16
C MET B 103 19.88 30.64 -1.69
N GLY B 104 19.00 29.94 -2.40
CA GLY B 104 18.87 30.08 -3.84
C GLY B 104 19.80 29.22 -4.69
N LEU B 105 20.69 28.44 -4.10
CA LEU B 105 21.64 27.68 -4.89
C LEU B 105 20.96 26.56 -5.66
N ASN B 106 19.99 25.92 -5.02
CA ASN B 106 19.32 24.84 -5.71
C ASN B 106 18.70 25.32 -7.00
N ALA B 107 17.98 26.45 -6.95
CA ALA B 107 17.32 26.92 -8.17
C ALA B 107 18.35 27.21 -9.26
N SER B 108 19.49 27.78 -8.87
CA SER B 108 20.54 28.03 -9.85
C SER B 108 21.09 26.72 -10.40
N MET B 109 21.33 25.73 -9.55
CA MET B 109 21.84 24.47 -10.03
C MET B 109 20.86 23.80 -10.99
N LYS B 110 19.56 23.78 -10.62
CA LYS B 110 18.60 23.10 -11.47
C LYS B 110 18.43 23.83 -12.80
N TYR B 111 18.46 25.16 -12.77
CA TYR B 111 18.39 25.91 -14.02
C TYR B 111 19.54 25.52 -14.94
N LEU B 112 20.75 25.48 -14.39
CA LEU B 112 21.90 25.14 -15.23
C LEU B 112 21.77 23.74 -15.83
N MET B 113 21.40 22.75 -15.00
CA MET B 113 21.30 21.35 -15.45
C MET B 113 20.17 21.13 -16.43
N LEU B 114 18.99 21.70 -16.14
CA LEU B 114 17.86 21.60 -17.05
C LEU B 114 18.15 22.31 -18.36
N ARG B 115 18.85 23.45 -18.34
CA ARG B 115 19.20 24.12 -19.58
C ARG B 115 20.11 23.21 -20.42
N HIS B 116 21.10 22.57 -19.79
CA HIS B 116 21.94 21.67 -20.57
C HIS B 116 21.12 20.51 -21.13
N ALA B 117 20.28 19.93 -20.29
CA ALA B 117 19.52 18.75 -20.70
C ALA B 117 18.60 19.06 -21.86
N PHE B 118 17.84 20.15 -21.78
CA PHE B 118 16.85 20.48 -22.81
C PHE B 118 17.46 21.22 -23.99
N ASP B 119 18.34 22.17 -23.76
CA ASP B 119 18.82 22.95 -24.90
C ASP B 119 19.99 22.29 -25.63
N SER B 120 20.93 21.65 -24.93
CA SER B 120 22.04 21.00 -25.64
C SER B 120 21.75 19.55 -25.95
N TRP B 121 21.36 18.77 -24.95
CA TRP B 121 21.08 17.36 -25.21
C TRP B 121 19.75 17.15 -25.94
N GLN B 122 18.91 18.17 -26.04
CA GLN B 122 17.62 18.08 -26.72
C GLN B 122 16.73 16.98 -26.16
N MET B 123 16.66 16.91 -24.84
CA MET B 123 15.88 15.90 -24.15
C MET B 123 14.39 16.23 -24.19
N VAL B 124 13.59 15.15 -24.15
CA VAL B 124 12.14 15.24 -24.17
C VAL B 124 11.61 15.09 -22.78
N ARG B 125 12.41 14.58 -21.84
CA ARG B 125 11.95 14.26 -20.50
C ARG B 125 13.16 14.35 -19.57
N VAL B 126 13.02 15.09 -18.46
CA VAL B 126 13.95 15.02 -17.33
C VAL B 126 13.15 14.65 -16.07
N GLN B 127 13.53 13.59 -15.38
CA GLN B 127 12.76 13.18 -14.22
C GLN B 127 13.53 13.47 -12.94
N LEU B 128 12.79 13.60 -11.83
CA LEU B 128 13.40 13.80 -10.52
C LEU B 128 12.59 13.00 -9.54
N LYS B 129 13.24 12.39 -8.55
CA LYS B 129 12.47 11.65 -7.58
C LYS B 129 13.11 11.80 -6.20
N THR B 130 12.29 11.59 -5.17
CA THR B 130 12.75 11.80 -3.82
C THR B 130 11.90 10.95 -2.88
N ALA B 131 12.38 10.75 -1.66
CA ALA B 131 11.61 9.95 -0.74
C ALA B 131 10.26 10.58 -0.38
N ALA B 132 9.26 9.70 -0.21
CA ALA B 132 7.93 10.16 0.23
C ALA B 132 7.99 10.82 1.60
N SER B 133 8.95 10.42 2.42
CA SER B 133 9.23 11.00 3.74
C SER B 133 9.93 12.36 3.69
N ASN B 134 10.41 12.82 2.52
CA ASN B 134 11.35 13.96 2.40
C ASN B 134 10.58 15.15 1.84
N LEU B 135 9.88 15.84 2.74
CA LEU B 135 8.92 16.83 2.26
C LEU B 135 9.62 18.09 1.78
N ARG B 136 10.80 18.42 2.33
CA ARG B 136 11.51 19.61 1.87
C ARG B 136 11.95 19.45 0.43
N SER B 137 12.43 18.27 0.07
CA SER B 137 12.80 18.00 -1.33
C SER B 137 11.58 18.04 -2.23
N GLN B 138 10.51 17.40 -1.81
CA GLN B 138 9.28 17.50 -2.58
C GLN B 138 8.89 18.95 -2.85
N ARG B 139 8.94 19.81 -1.83
CA ARG B 139 8.46 21.17 -2.05
C ARG B 139 9.44 21.92 -2.95
N ALA B 140 10.73 21.63 -2.82
CA ALA B 140 11.71 22.25 -3.71
C ALA B 140 11.54 21.80 -5.18
N ILE B 141 11.21 20.51 -5.43
CA ILE B 141 10.95 20.07 -6.81
C ILE B 141 9.65 20.70 -7.31
N GLU B 142 8.63 20.79 -6.46
CA GLU B 142 7.36 21.41 -6.85
C GLU B 142 7.53 22.87 -7.21
N LYS B 143 8.44 23.57 -6.49
CA LYS B 143 8.72 24.96 -6.81
C LYS B 143 9.30 25.12 -8.20
N LEU B 144 10.01 24.09 -8.71
CA LEU B 144 10.50 24.14 -10.09
C LEU B 144 9.37 24.09 -11.10
N GLY B 145 8.24 23.49 -10.73
CA GLY B 145 7.18 23.29 -11.69
C GLY B 145 7.17 21.90 -12.30
N ALA B 146 8.01 21.00 -11.80
CA ALA B 146 7.96 19.62 -12.26
C ALA B 146 6.65 19.00 -11.84
N VAL B 147 6.14 18.13 -12.70
CA VAL B 147 4.82 17.56 -12.54
C VAL B 147 4.94 16.25 -11.78
N ARG B 148 4.10 16.08 -10.77
CA ARG B 148 4.11 14.88 -9.93
C ARG B 148 3.42 13.73 -10.67
N GLU B 149 4.18 12.72 -11.08
CA GLU B 149 3.60 11.63 -11.84
C GLU B 149 3.01 10.52 -10.96
N GLY B 150 3.59 10.26 -9.80
CA GLY B 150 2.94 9.35 -8.87
C GLY B 150 3.92 8.88 -7.81
N VAL B 151 3.45 7.94 -6.99
CA VAL B 151 4.19 7.40 -5.87
C VAL B 151 4.58 5.96 -6.20
N LEU B 152 5.87 5.67 -6.13
CA LEU B 152 6.40 4.34 -6.39
C LEU B 152 6.64 3.63 -5.06
N ARG B 153 5.94 2.55 -4.85
CA ARG B 153 5.97 1.84 -3.57
C ARG B 153 7.22 0.99 -3.42
N ASN B 154 7.72 0.91 -2.19
CA ASN B 154 8.83 0.01 -1.83
C ASN B 154 10.01 0.20 -2.80
N HIS B 155 10.43 1.46 -2.99
CA HIS B 155 11.29 1.87 -4.09
C HIS B 155 12.65 2.44 -3.67
N ARG B 156 12.90 2.59 -2.37
CA ARG B 156 14.16 3.17 -1.92
C ARG B 156 14.38 2.78 -0.48
N ARG B 157 15.60 3.01 0.00
CA ARG B 157 15.88 2.92 1.43
C ARG B 157 16.39 4.26 1.88
N LEU B 158 15.99 4.63 3.09
CA LEU B 158 16.46 5.84 3.75
C LEU B 158 17.87 5.61 4.27
N ALA B 159 18.47 6.65 4.82
CA ALA B 159 19.89 6.57 5.17
C ALA B 159 20.17 5.41 6.11
N GLY B 160 19.31 5.22 7.12
CA GLY B 160 19.46 4.20 8.12
C GLY B 160 18.93 2.85 7.74
N GLY B 161 18.44 2.69 6.51
CA GLY B 161 18.03 1.38 6.04
C GLY B 161 16.55 1.18 5.83
N ARG B 162 15.69 2.11 6.28
CA ARG B 162 14.26 1.86 6.26
C ARG B 162 13.71 2.00 4.85
N LEU B 163 12.83 1.07 4.49
CA LEU B 163 12.19 1.10 3.19
C LEU B 163 11.21 2.26 3.15
N ASP B 164 11.18 2.96 2.03
CA ASP B 164 10.21 4.03 1.86
C ASP B 164 9.71 3.98 0.43
N ASP B 165 8.72 4.80 0.13
CA ASP B 165 8.27 5.02 -1.24
C ASP B 165 8.99 6.21 -1.87
N SER B 166 8.92 6.31 -3.21
CA SER B 166 9.46 7.46 -3.94
C SER B 166 8.32 8.26 -4.51
N VAL B 167 8.44 9.59 -4.50
CA VAL B 167 7.60 10.46 -5.32
C VAL B 167 8.36 10.80 -6.59
N LEU B 168 7.72 10.54 -7.74
CA LEU B 168 8.34 10.68 -9.04
C LEU B 168 7.73 11.89 -9.74
N TYR B 169 8.62 12.77 -10.21
CA TYR B 169 8.22 13.95 -10.98
C TYR B 169 8.90 14.00 -12.33
N SER B 170 8.41 14.80 -13.25
CA SER B 170 9.22 15.05 -14.45
C SER B 170 8.84 16.38 -15.07
N ILE B 171 9.71 16.81 -16.00
CA ILE B 171 9.54 18.01 -16.83
C ILE B 171 9.69 17.57 -18.28
N THR B 172 8.72 17.92 -19.11
CA THR B 172 8.86 17.57 -20.51
C THR B 172 9.48 18.72 -21.30
N ASP B 173 9.82 18.45 -22.57
CA ASP B 173 10.39 19.51 -23.41
C ASP B 173 9.36 20.61 -23.63
N HIS B 174 8.09 20.25 -23.69
CA HIS B 174 7.09 21.29 -23.87
C HIS B 174 6.81 22.09 -22.59
N GLU B 175 7.14 21.54 -21.44
CA GLU B 175 7.04 22.29 -20.20
C GLU B 175 8.27 23.13 -19.88
N TRP B 176 9.43 22.75 -20.40
CA TRP B 176 10.65 23.49 -20.12
C TRP B 176 10.55 24.97 -20.36
N PRO B 177 9.94 25.47 -21.42
CA PRO B 177 9.93 26.93 -21.61
C PRO B 177 9.35 27.69 -20.44
N GLN B 178 8.34 27.11 -19.77
CA GLN B 178 7.67 27.76 -18.65
C GLN B 178 8.46 27.59 -17.37
N VAL B 179 9.03 26.40 -17.17
CA VAL B 179 9.99 26.15 -16.10
C VAL B 179 11.17 27.10 -16.21
N LYS B 180 11.76 27.21 -17.41
CA LYS B 180 12.89 28.11 -17.64
C LYS B 180 12.52 29.55 -17.33
N ALA B 181 11.36 29.99 -17.80
CA ALA B 181 11.00 31.38 -17.58
C ALA B 181 10.72 31.67 -16.10
N ALA B 182 10.07 30.75 -15.38
CA ALA B 182 9.81 30.95 -13.95
C ALA B 182 11.12 31.01 -13.19
N LEU B 183 12.07 30.15 -13.53
CA LEU B 183 13.37 30.22 -12.87
C LEU B 183 14.03 31.55 -13.16
N GLU B 184 14.01 32.00 -14.41
CA GLU B 184 14.63 33.28 -14.72
C GLU B 184 13.93 34.45 -14.03
N ALA B 185 12.61 34.35 -13.79
CA ALA B 185 11.90 35.42 -13.06
C ALA B 185 12.40 35.59 -11.63
N GLY B 186 13.08 34.58 -11.11
CA GLY B 186 13.68 34.65 -9.79
C GLY B 186 15.11 35.11 -9.80
N PHE B 187 15.70 35.32 -10.99
CA PHE B 187 17.11 35.70 -11.09
C PHE B 187 17.19 37.19 -11.45
N SER B 188 18.27 37.85 -11.07
CA SER B 188 18.58 39.15 -11.68
C SER B 188 18.75 39.06 -13.18
N GLY B 189 19.54 39.99 -13.75
CA GLY B 189 19.60 40.38 -15.17
C GLY B 189 18.34 40.30 -16.03
N ARG C 3 0.58 -7.49 24.60
CA ARG C 3 -0.24 -6.88 25.66
C ARG C 3 -0.13 -5.35 25.63
N PRO C 4 -1.26 -4.66 25.58
CA PRO C 4 -1.26 -3.20 25.68
C PRO C 4 -1.07 -2.83 27.14
N LEU C 5 -0.03 -2.01 27.41
CA LEU C 5 0.11 -1.61 28.80
C LEU C 5 -0.16 -0.12 28.97
N PRO C 6 -0.72 0.29 30.10
CA PRO C 6 -0.96 1.73 30.30
C PRO C 6 0.30 2.55 30.08
N ILE C 7 0.12 3.74 29.51
CA ILE C 7 1.23 4.60 29.15
C ILE C 7 0.78 6.04 29.27
N THR C 8 1.74 6.89 29.63
CA THR C 8 1.59 8.33 29.62
C THR C 8 2.51 8.91 28.55
N LEU C 9 1.92 9.75 27.69
CA LEU C 9 2.62 10.38 26.59
C LEU C 9 2.65 11.88 26.79
N GLN C 10 3.72 12.54 26.36
CA GLN C 10 3.82 13.97 26.61
C GLN C 10 4.63 14.66 25.53
N ARG C 11 4.17 15.85 25.15
CA ARG C 11 4.89 16.71 24.21
C ARG C 11 4.64 18.15 24.65
N GLY C 12 5.69 18.81 25.15
CA GLY C 12 5.51 20.16 25.68
C GLY C 12 4.52 20.16 26.81
N ALA C 13 3.54 21.07 26.73
CA ALA C 13 2.56 21.24 27.79
C ALA C 13 1.37 20.33 27.65
N LEU C 14 1.39 19.45 26.65
CA LEU C 14 0.33 18.48 26.46
C LEU C 14 0.72 17.16 27.08
N ARG C 15 -0.17 16.58 27.88
CA ARG C 15 0.05 15.28 28.51
C ARG C 15 -1.18 14.42 28.24
N LEU C 16 -0.95 13.19 27.77
CA LEU C 16 -2.00 12.19 27.65
C LEU C 16 -1.81 11.16 28.76
N GLU C 17 -2.77 11.07 29.68
CA GLU C 17 -2.61 10.23 30.87
C GLU C 17 -3.77 9.26 30.95
N PRO C 18 -3.55 8.06 31.51
CA PRO C 18 -4.66 7.08 31.60
C PRO C 18 -5.84 7.69 32.33
N MET C 19 -7.03 7.40 31.82
CA MET C 19 -8.25 7.91 32.40
C MET C 19 -8.57 7.10 33.65
N VAL C 20 -8.98 7.82 34.70
CA VAL C 20 -9.47 7.19 35.91
C VAL C 20 -10.86 7.70 36.21
N GLU C 21 -11.58 6.94 37.04
CA GLU C 21 -12.96 7.29 37.37
C GLU C 21 -13.10 8.75 37.81
N ALA C 22 -12.11 9.29 38.54
CA ALA C 22 -12.22 10.65 39.04
C ALA C 22 -12.14 11.72 37.95
N ASP C 23 -11.73 11.36 36.74
CA ASP C 23 -11.74 12.32 35.64
C ASP C 23 -13.13 12.49 35.04
N VAL C 24 -14.03 11.54 35.26
CA VAL C 24 -15.26 11.50 34.46
C VAL C 24 -16.13 12.71 34.67
N PRO C 25 -16.34 13.21 35.89
CA PRO C 25 -17.27 14.34 36.07
C PRO C 25 -16.80 15.60 35.37
N GLU C 26 -15.50 15.87 35.41
CA GLU C 26 -14.98 17.02 34.69
C GLU C 26 -15.08 16.82 33.18
N LEU C 27 -14.77 15.62 32.70
CA LEU C 27 -14.96 15.38 31.27
C LEU C 27 -16.39 15.60 30.84
N VAL C 28 -17.36 15.14 31.64
CA VAL C 28 -18.76 15.29 31.27
C VAL C 28 -19.14 16.75 31.25
N GLU C 29 -18.72 17.51 32.26
CA GLU C 29 -19.05 18.93 32.30
C GLU C 29 -18.47 19.68 31.12
N LEU C 30 -17.21 19.38 30.76
CA LEU C 30 -16.60 19.99 29.58
C LEU C 30 -17.34 19.58 28.32
N ALA C 31 -17.70 18.31 28.21
CA ALA C 31 -18.45 17.92 27.03
C ALA C 31 -19.78 18.67 26.93
N ASP C 32 -20.50 18.83 28.04
CA ASP C 32 -21.77 19.55 28.00
C ASP C 32 -21.58 21.03 27.71
N ALA C 33 -20.43 21.60 28.06
CA ALA C 33 -20.14 22.99 27.69
C ALA C 33 -19.79 23.14 26.21
N ASN C 34 -19.40 22.05 25.57
CA ASN C 34 -19.07 22.04 24.15
C ASN C 34 -20.06 21.20 23.33
N ARG C 35 -21.33 21.16 23.73
CA ARG C 35 -22.20 20.16 23.14
C ARG C 35 -22.36 20.33 21.62
N GLU C 36 -22.34 21.58 21.15
CA GLU C 36 -22.56 21.82 19.72
C GLU C 36 -21.47 21.16 18.87
N VAL C 37 -20.22 21.32 19.31
CA VAL C 37 -19.06 20.77 18.62
C VAL C 37 -19.02 19.25 18.69
N LEU C 38 -19.77 18.66 19.60
CA LEU C 38 -19.66 17.23 19.83
C LEU C 38 -20.85 16.46 19.27
N GLN C 39 -21.57 17.06 18.32
CA GLN C 39 -22.77 16.46 17.75
C GLN C 39 -22.49 15.20 16.98
N TYR C 40 -21.25 14.98 16.52
CA TYR C 40 -20.93 13.81 15.68
C TYR C 40 -20.53 12.59 16.49
N MET C 41 -20.44 12.69 17.78
CA MET C 41 -20.09 11.50 18.52
C MET C 41 -21.26 10.97 19.28
N SER C 42 -21.11 9.77 19.79
CA SER C 42 -22.21 9.09 20.44
C SER C 42 -21.99 9.23 21.95
N ALA C 43 -22.79 10.03 22.58
CA ALA C 43 -22.89 10.05 24.04
C ALA C 43 -21.66 10.60 24.75
N PRO C 44 -21.09 11.72 24.28
CA PRO C 44 -20.03 12.37 25.06
C PRO C 44 -20.56 13.02 26.34
N GLN C 45 -21.88 13.25 26.43
CA GLN C 45 -22.54 13.79 27.61
C GLN C 45 -22.82 12.75 28.70
N ARG C 46 -22.60 11.47 28.43
CA ARG C 46 -22.96 10.41 29.37
C ARG C 46 -21.76 9.93 30.18
N PRO C 47 -21.85 9.91 31.51
CA PRO C 47 -20.73 9.32 32.29
C PRO C 47 -20.41 7.88 31.88
N ASP C 48 -21.41 7.12 31.48
CA ASP C 48 -21.18 5.70 31.18
C ASP C 48 -20.27 5.51 29.97
N TRP C 49 -20.26 6.46 29.03
CA TRP C 49 -19.33 6.35 27.91
C TRP C 49 -17.88 6.31 28.41
N TYR C 50 -17.57 7.12 29.43
CA TYR C 50 -16.22 7.17 29.96
C TYR C 50 -15.98 5.99 30.89
N ARG C 51 -17.00 5.58 31.64
CA ARG C 51 -16.80 4.45 32.54
C ARG C 51 -16.63 3.13 31.79
N GLN C 52 -17.33 2.97 30.67
CA GLN C 52 -17.14 1.74 29.90
C GLN C 52 -15.72 1.67 29.38
N ALA C 53 -15.15 2.82 29.03
CA ALA C 53 -13.77 2.86 28.57
C ALA C 53 -12.83 2.41 29.67
N ILE C 54 -13.06 2.91 30.90
CA ILE C 54 -12.26 2.51 32.05
C ILE C 54 -12.44 1.03 32.32
N ALA C 55 -13.66 0.52 32.19
CA ALA C 55 -13.91 -0.90 32.36
C ALA C 55 -13.25 -1.70 31.25
N ASP C 56 -13.35 -1.21 30.01
CA ASP C 56 -12.66 -1.90 28.93
C ASP C 56 -11.17 -2.02 29.21
N GLN C 57 -10.55 -1.00 29.81
CA GLN C 57 -9.12 -1.08 30.10
C GLN C 57 -8.82 -2.26 31.02
N ARG C 58 -9.67 -2.48 32.02
CA ARG C 58 -9.45 -3.62 32.93
C ARG C 58 -9.45 -4.94 32.17
N GLU C 59 -10.26 -5.06 31.11
CA GLU C 59 -10.33 -6.26 30.30
C GLU C 59 -9.36 -6.25 29.12
N GLY C 60 -8.40 -5.34 29.11
CA GLY C 60 -7.39 -5.31 28.08
C GLY C 60 -7.88 -4.90 26.72
N ARG C 61 -9.01 -4.20 26.66
CA ARG C 61 -9.69 -3.90 25.42
C ARG C 61 -9.51 -2.46 24.95
N ALA C 62 -9.01 -1.58 25.83
CA ALA C 62 -8.82 -0.18 25.48
C ALA C 62 -7.81 0.43 26.44
N LEU C 63 -7.19 1.51 25.97
CA LEU C 63 -6.39 2.41 26.80
C LEU C 63 -6.95 3.82 26.63
N PRO C 64 -7.94 4.21 27.46
CA PRO C 64 -8.51 5.57 27.37
C PRO C 64 -7.59 6.57 28.05
N LEU C 65 -7.48 7.74 27.44
CA LEU C 65 -6.55 8.75 27.86
C LEU C 65 -7.30 10.05 28.09
N VAL C 66 -6.86 10.85 29.07
CA VAL C 66 -7.32 12.23 29.22
C VAL C 66 -6.25 13.16 28.66
N VAL C 67 -6.70 14.14 27.90
CA VAL C 67 -5.81 15.14 27.32
C VAL C 67 -5.73 16.32 28.27
N ARG C 68 -4.54 16.61 28.80
CA ARG C 68 -4.34 17.80 29.62
C ARG C 68 -3.37 18.75 28.95
N LEU C 69 -3.77 20.02 28.89
CA LEU C 69 -2.99 21.12 28.33
C LEU C 69 -2.66 22.04 29.50
N GLY C 70 -1.37 22.14 29.84
CA GLY C 70 -1.02 22.95 31.02
C GLY C 70 -1.78 22.57 32.28
N ASN C 71 -1.97 21.27 32.50
CA ASN C 71 -2.62 20.71 33.68
C ASN C 71 -4.13 20.75 33.62
N ARG C 72 -4.74 21.23 32.55
CA ARG C 72 -6.18 21.40 32.47
C ARG C 72 -6.79 20.40 31.50
N ILE C 73 -7.85 19.73 31.91
CA ILE C 73 -8.50 18.76 31.03
C ILE C 73 -9.11 19.53 29.87
N VAL C 74 -8.73 19.15 28.65
CA VAL C 74 -9.27 19.74 27.44
C VAL C 74 -9.92 18.73 26.51
N GLY C 75 -9.84 17.44 26.79
CA GLY C 75 -10.45 16.44 25.93
C GLY C 75 -10.01 15.04 26.29
N THR C 76 -10.32 14.10 25.40
CA THR C 76 -10.05 12.69 25.67
C THR C 76 -9.72 12.10 24.30
N THR C 77 -9.06 10.95 24.31
CA THR C 77 -8.81 10.12 23.13
C THR C 77 -8.49 8.72 23.67
N ARG C 78 -8.48 7.69 22.80
CA ARG C 78 -8.14 6.35 23.27
C ARG C 78 -7.57 5.43 22.17
N PHE C 79 -6.80 4.45 22.59
CA PHE C 79 -6.50 3.28 21.78
C PHE C 79 -7.62 2.27 22.03
N LEU C 80 -8.03 1.56 21.01
CA LEU C 80 -8.98 0.49 21.24
C LEU C 80 -8.83 -0.55 20.13
N ASP C 81 -9.75 -1.52 20.11
CA ASP C 81 -9.80 -2.51 19.01
C ASP C 81 -8.44 -3.13 18.70
N PHE C 82 -7.83 -3.69 19.74
CA PHE C 82 -6.51 -4.29 19.59
C PHE C 82 -6.65 -5.63 18.90
N MET C 83 -5.73 -5.92 17.97
CA MET C 83 -5.69 -7.14 17.16
C MET C 83 -4.32 -7.73 17.45
N PRO C 84 -4.17 -8.50 18.53
CA PRO C 84 -2.82 -8.85 19.01
C PRO C 84 -1.99 -9.69 18.05
N ALA C 85 -2.61 -10.46 17.16
CA ALA C 85 -1.85 -11.34 16.29
C ALA C 85 -1.15 -10.59 15.17
N LEU C 86 -1.44 -9.32 14.96
CA LEU C 86 -0.90 -8.63 13.79
C LEU C 86 0.44 -7.98 14.15
N PRO C 87 0.51 -7.08 15.16
CA PRO C 87 -0.54 -6.48 15.97
C PRO C 87 -1.05 -5.19 15.34
N ALA C 88 -2.26 -4.80 15.73
CA ALA C 88 -2.92 -3.63 15.14
C ALA C 88 -3.81 -3.02 16.20
N CYS C 89 -4.24 -1.78 15.96
CA CYS C 89 -5.18 -1.17 16.88
C CYS C 89 -5.84 0.02 16.19
N GLU C 90 -6.73 0.68 16.94
CA GLU C 90 -7.47 1.84 16.51
C GLU C 90 -7.16 3.00 17.47
N ILE C 91 -7.14 4.19 16.90
CA ILE C 91 -7.19 5.40 17.69
C ILE C 91 -8.61 5.94 17.50
N GLY C 92 -9.34 6.13 18.59
CA GLY C 92 -10.71 6.62 18.45
C GLY C 92 -11.18 7.39 19.65
N GLY C 93 -12.46 7.76 19.64
CA GLY C 93 -13.04 8.35 20.84
C GLY C 93 -12.40 9.67 21.19
N THR C 94 -11.92 10.41 20.17
CA THR C 94 -11.21 11.66 20.38
C THR C 94 -12.15 12.85 20.37
N TRP C 95 -12.10 13.68 21.41
CA TRP C 95 -12.70 14.99 21.25
C TRP C 95 -11.92 15.98 22.09
N LEU C 96 -11.84 17.22 21.58
CA LEU C 96 -11.28 18.39 22.27
C LEU C 96 -12.35 19.46 22.39
N GLU C 97 -12.29 20.27 23.44
CA GLU C 97 -13.14 21.46 23.50
C GLU C 97 -12.89 22.35 22.29
N GLN C 98 -13.92 23.11 21.89
CA GLN C 98 -13.81 23.94 20.70
C GLN C 98 -12.58 24.82 20.70
N SER C 99 -12.24 25.40 21.86
CA SER C 99 -11.12 26.35 21.89
C SER C 99 -9.77 25.75 21.50
N GLN C 100 -9.64 24.44 21.49
CA GLN C 100 -8.39 23.83 21.07
C GLN C 100 -8.39 23.41 19.60
N HIS C 101 -9.52 23.54 18.89
CA HIS C 101 -9.56 23.13 17.49
C HIS C 101 -8.68 24.05 16.68
N GLY C 102 -7.83 23.48 15.83
CA GLY C 102 -6.98 24.26 14.98
C GLY C 102 -5.71 24.74 15.65
N MET C 103 -5.49 24.37 16.90
CA MET C 103 -4.34 24.83 17.64
C MET C 103 -3.16 23.88 17.54
N GLY C 104 -3.30 22.77 16.84
CA GLY C 104 -2.21 21.83 16.72
C GLY C 104 -2.15 20.76 17.78
N LEU C 105 -3.12 20.72 18.70
CA LEU C 105 -3.14 19.72 19.74
C LEU C 105 -3.47 18.36 19.19
N ASN C 106 -4.39 18.30 18.23
CA ASN C 106 -4.74 17.01 17.64
C ASN C 106 -3.51 16.38 17.03
N ALA C 107 -2.78 17.18 16.24
CA ALA C 107 -1.59 16.71 15.55
C ALA C 107 -0.57 16.17 16.55
N SER C 108 -0.32 16.91 17.65
CA SER C 108 0.61 16.43 18.67
C SER C 108 0.11 15.14 19.34
N MET C 109 -1.22 15.04 19.59
CA MET C 109 -1.80 13.81 20.16
C MET C 109 -1.62 12.65 19.21
N LYS C 110 -1.98 12.84 17.94
CA LYS C 110 -1.84 11.77 16.97
C LYS C 110 -0.38 11.35 16.81
N TYR C 111 0.55 12.32 16.79
CA TYR C 111 1.96 12.01 16.67
C TYR C 111 2.44 11.16 17.83
N LEU C 112 2.03 11.52 19.05
CA LEU C 112 2.49 10.77 20.22
C LEU C 112 1.93 9.35 20.20
N MET C 113 0.67 9.20 19.82
CA MET C 113 0.02 7.90 19.87
C MET C 113 0.47 7.00 18.73
N LEU C 114 0.61 7.57 17.55
CA LEU C 114 1.06 6.80 16.41
C LEU C 114 2.51 6.38 16.60
N ARG C 115 3.38 7.29 17.03
CA ARG C 115 4.75 6.92 17.35
C ARG C 115 4.81 5.79 18.36
N HIS C 116 4.06 5.89 19.46
CA HIS C 116 4.01 4.77 20.38
C HIS C 116 3.54 3.49 19.70
N ALA C 117 2.46 3.54 18.93
CA ALA C 117 1.97 2.31 18.31
C ALA C 117 3.00 1.69 17.36
N PHE C 118 3.66 2.51 16.57
CA PHE C 118 4.54 1.95 15.56
C PHE C 118 5.91 1.64 16.14
N ASP C 119 6.47 2.54 16.95
CA ASP C 119 7.85 2.39 17.40
C ASP C 119 7.99 1.48 18.60
N SER C 120 7.01 1.52 19.51
CA SER C 120 7.07 0.80 20.76
C SER C 120 6.23 -0.49 20.74
N TRP C 121 5.06 -0.46 20.16
CA TRP C 121 4.23 -1.63 20.02
C TRP C 121 4.49 -2.38 18.72
N GLN C 122 5.25 -1.81 17.78
CA GLN C 122 5.53 -2.53 16.54
C GLN C 122 4.25 -2.95 15.80
N MET C 123 3.27 -2.06 15.77
CA MET C 123 2.02 -2.32 15.07
C MET C 123 2.25 -2.30 13.57
N VAL C 124 1.48 -3.12 12.85
CA VAL C 124 1.50 -3.15 11.39
C VAL C 124 0.38 -2.29 10.82
N ARG C 125 -0.57 -1.85 11.64
CA ARG C 125 -1.73 -1.11 11.16
C ARG C 125 -2.31 -0.33 12.33
N VAL C 126 -2.56 0.98 12.14
CA VAL C 126 -3.42 1.76 13.04
C VAL C 126 -4.62 2.32 12.27
N GLN C 127 -5.83 2.05 12.73
CA GLN C 127 -7.00 2.51 12.00
C GLN C 127 -7.71 3.65 12.74
N LEU C 128 -8.43 4.43 11.96
CA LEU C 128 -9.19 5.56 12.47
C LEU C 128 -10.47 5.64 11.65
N LYS C 129 -11.58 5.94 12.34
CA LYS C 129 -12.84 6.16 11.64
C LYS C 129 -13.56 7.37 12.21
N THR C 130 -14.40 7.97 11.38
CA THR C 130 -15.14 9.14 11.77
C THR C 130 -16.45 9.16 10.99
N ALA C 131 -17.41 9.93 11.50
CA ALA C 131 -18.72 10.02 10.85
C ALA C 131 -18.62 10.57 9.42
N ALA C 132 -19.40 9.97 8.51
CA ALA C 132 -19.43 10.43 7.12
C ALA C 132 -19.88 11.88 7.04
N SER C 133 -20.62 12.34 8.07
CA SER C 133 -21.16 13.70 8.13
C SER C 133 -20.17 14.66 8.73
N ASN C 134 -19.07 14.17 9.30
CA ASN C 134 -18.13 14.97 10.10
C ASN C 134 -16.95 15.39 9.23
N LEU C 135 -17.15 16.45 8.46
CA LEU C 135 -16.14 16.79 7.47
C LEU C 135 -14.88 17.36 8.10
N ARG C 136 -15.00 18.09 9.21
CA ARG C 136 -13.81 18.64 9.87
C ARG C 136 -12.92 17.52 10.37
N SER C 137 -13.51 16.48 10.96
CA SER C 137 -12.73 15.32 11.40
C SER C 137 -12.09 14.59 10.21
N GLN C 138 -12.85 14.43 9.13
CA GLN C 138 -12.24 13.83 7.94
C GLN C 138 -11.00 14.61 7.48
N ARG C 139 -11.12 15.92 7.39
CA ARG C 139 -9.97 16.69 6.90
C ARG C 139 -8.79 16.56 7.86
N ALA C 140 -9.04 16.52 9.17
CA ALA C 140 -7.97 16.33 10.15
C ALA C 140 -7.29 14.99 9.95
N ILE C 141 -8.06 13.95 9.64
CA ILE C 141 -7.43 12.65 9.40
C ILE C 141 -6.69 12.63 8.06
N GLU C 142 -7.28 13.21 7.04
CA GLU C 142 -6.61 13.29 5.75
C GLU C 142 -5.29 14.03 5.84
N LYS C 143 -5.23 15.10 6.67
CA LYS C 143 -3.99 15.85 6.82
C LYS C 143 -2.87 14.98 7.37
N LEU C 144 -3.20 13.94 8.15
CA LEU C 144 -2.18 13.02 8.65
C LEU C 144 -1.55 12.22 7.54
N GLY C 145 -2.29 12.01 6.45
CA GLY C 145 -1.90 11.07 5.41
C GLY C 145 -2.51 9.70 5.54
N ALA C 146 -3.44 9.50 6.47
CA ALA C 146 -4.10 8.20 6.59
C ALA C 146 -4.82 7.91 5.29
N VAL C 147 -4.80 6.63 4.89
CA VAL C 147 -5.40 6.15 3.64
C VAL C 147 -6.87 5.86 3.86
N ARG C 148 -7.72 6.46 3.03
CA ARG C 148 -9.15 6.22 3.11
C ARG C 148 -9.45 4.84 2.52
N GLU C 149 -9.99 3.96 3.33
CA GLU C 149 -10.24 2.59 2.92
C GLU C 149 -11.66 2.39 2.42
N GLY C 150 -12.63 3.14 2.93
CA GLY C 150 -13.97 3.01 2.39
C GLY C 150 -14.98 3.64 3.33
N VAL C 151 -16.24 3.48 2.94
CA VAL C 151 -17.38 4.03 3.64
C VAL C 151 -18.16 2.87 4.20
N LEU C 152 -18.26 2.82 5.53
CA LEU C 152 -19.02 1.76 6.20
C LEU C 152 -20.43 2.28 6.46
N ARG C 153 -21.44 1.62 5.84
CA ARG C 153 -22.81 2.09 5.89
C ARG C 153 -23.45 1.66 7.19
N ASN C 154 -24.26 2.56 7.75
CA ASN C 154 -25.05 2.35 8.96
C ASN C 154 -24.21 1.84 10.13
N HIS C 155 -23.16 2.61 10.46
CA HIS C 155 -22.05 2.14 11.28
C HIS C 155 -21.90 2.92 12.56
N ARG C 156 -22.68 3.98 12.74
CA ARG C 156 -22.62 4.70 14.01
C ARG C 156 -23.93 5.44 14.23
N ARG C 157 -24.14 5.90 15.46
CA ARG C 157 -25.15 6.90 15.75
C ARG C 157 -24.48 8.16 16.24
N LEU C 158 -25.04 9.30 15.83
CA LEU C 158 -24.56 10.60 16.25
C LEU C 158 -25.17 10.93 17.60
N ALA C 159 -24.82 12.09 18.17
CA ALA C 159 -25.23 12.37 19.55
C ALA C 159 -26.75 12.36 19.75
N GLY C 160 -27.51 12.82 18.76
CA GLY C 160 -28.95 12.85 18.86
C GLY C 160 -29.64 11.59 18.41
N GLY C 161 -28.89 10.52 18.10
CA GLY C 161 -29.46 9.23 17.77
C GLY C 161 -29.49 8.89 16.29
N ARG C 162 -29.22 9.88 15.43
CA ARG C 162 -29.25 9.69 13.99
C ARG C 162 -28.21 8.67 13.55
N LEU C 163 -28.62 7.76 12.68
CA LEU C 163 -27.71 6.83 12.04
C LEU C 163 -26.88 7.56 10.98
N ASP C 164 -25.60 7.21 10.90
CA ASP C 164 -24.70 7.76 9.90
C ASP C 164 -23.77 6.63 9.45
N ASP C 165 -23.15 6.83 8.30
CA ASP C 165 -22.04 6.03 7.84
C ASP C 165 -20.77 6.48 8.53
N SER C 166 -19.77 5.61 8.50
CA SER C 166 -18.42 5.96 8.92
C SER C 166 -17.49 5.93 7.72
N VAL C 167 -16.47 6.77 7.76
CA VAL C 167 -15.33 6.68 6.86
C VAL C 167 -14.18 6.04 7.62
N LEU C 168 -13.58 5.00 7.03
CA LEU C 168 -12.51 4.23 7.65
C LEU C 168 -11.19 4.55 6.96
N TYR C 169 -10.16 4.81 7.77
CA TYR C 169 -8.82 5.12 7.33
C TYR C 169 -7.84 4.21 8.06
N SER C 170 -6.66 4.03 7.49
CA SER C 170 -5.60 3.40 8.26
C SER C 170 -4.22 3.93 7.86
N ILE C 171 -3.23 3.62 8.71
CA ILE C 171 -1.82 3.85 8.46
C ILE C 171 -1.09 2.54 8.68
N THR C 172 -0.29 2.12 7.72
CA THR C 172 0.48 0.89 7.91
C THR C 172 1.86 1.20 8.43
N ASP C 173 2.54 0.15 8.93
CA ASP C 173 3.88 0.35 9.44
C ASP C 173 4.77 0.92 8.35
N HIS C 174 4.54 0.45 7.11
CA HIS C 174 5.34 0.94 6.00
C HIS C 174 5.15 2.43 5.76
N GLU C 175 3.94 2.95 5.99
CA GLU C 175 3.59 4.35 5.73
C GLU C 175 3.96 5.28 6.86
N TRP C 176 4.35 4.75 8.03
CA TRP C 176 4.61 5.56 9.20
C TRP C 176 5.68 6.62 8.91
N PRO C 177 6.78 6.31 8.24
CA PRO C 177 7.76 7.39 8.02
C PRO C 177 7.17 8.59 7.33
N GLN C 178 6.33 8.37 6.31
CA GLN C 178 5.67 9.47 5.59
C GLN C 178 4.79 10.32 6.51
N VAL C 179 3.94 9.65 7.28
CA VAL C 179 3.05 10.33 8.24
C VAL C 179 3.85 11.06 9.31
N LYS C 180 4.88 10.42 9.86
CA LYS C 180 5.73 11.08 10.85
C LYS C 180 6.32 12.34 10.27
N ALA C 181 6.82 12.27 9.04
CA ALA C 181 7.39 13.45 8.42
C ALA C 181 6.36 14.56 8.28
N ALA C 182 5.13 14.18 7.93
CA ALA C 182 4.08 15.15 7.68
C ALA C 182 3.70 15.87 8.97
N LEU C 183 3.61 15.15 10.08
CA LEU C 183 3.34 15.79 11.36
C LEU C 183 4.52 16.67 11.80
N GLU C 184 5.75 16.18 11.65
CA GLU C 184 6.90 17.00 12.03
C GLU C 184 6.96 18.26 11.17
N ALA C 185 6.57 18.16 9.91
CA ALA C 185 6.51 19.34 9.05
C ALA C 185 5.59 20.41 9.65
N GLY C 186 4.41 20.00 10.12
CA GLY C 186 3.50 20.95 10.73
C GLY C 186 4.01 21.57 12.03
N PHE C 187 4.74 20.78 12.84
CA PHE C 187 5.22 21.25 14.13
C PHE C 187 6.09 22.46 14.00
N SER C 188 6.51 22.70 12.74
CA SER C 188 7.70 23.45 12.34
C SER C 188 7.33 24.46 11.29
N GLY C 189 6.01 24.67 11.09
CA GLY C 189 5.53 25.43 9.96
C GLY C 189 5.75 24.60 8.69
N PHE D 2 -30.33 -6.09 21.72
CA PHE D 2 -30.78 -7.14 20.81
C PHE D 2 -30.58 -8.49 21.48
N ARG D 3 -29.78 -8.49 22.54
CA ARG D 3 -29.52 -9.72 23.28
C ARG D 3 -28.83 -10.73 22.38
N PRO D 4 -27.53 -10.76 22.40
CA PRO D 4 -26.83 -11.86 21.74
C PRO D 4 -27.13 -13.16 22.43
N LEU D 5 -28.33 -13.72 22.25
CA LEU D 5 -28.66 -14.96 22.92
C LEU D 5 -28.47 -16.15 21.99
N PRO D 6 -27.91 -17.28 22.47
CA PRO D 6 -27.68 -18.43 21.58
C PRO D 6 -28.98 -18.95 20.99
N ILE D 7 -28.92 -19.36 19.72
CA ILE D 7 -30.08 -19.89 19.01
C ILE D 7 -29.65 -21.10 18.19
N THR D 8 -30.62 -21.92 17.82
CA THR D 8 -30.44 -22.93 16.81
C THR D 8 -31.24 -22.47 15.60
N LEU D 9 -30.62 -22.55 14.42
CA LEU D 9 -31.28 -22.19 13.16
C LEU D 9 -31.29 -23.42 12.26
N GLN D 10 -32.43 -23.68 11.61
CA GLN D 10 -32.57 -24.91 10.85
C GLN D 10 -33.32 -24.71 9.54
N ARG D 11 -32.93 -25.51 8.58
CA ARG D 11 -33.51 -25.47 7.26
C ARG D 11 -33.34 -26.89 6.71
N GLY D 12 -34.43 -27.64 6.70
CA GLY D 12 -34.35 -29.02 6.24
C GLY D 12 -33.39 -29.84 7.10
N ALA D 13 -32.38 -30.44 6.45
CA ALA D 13 -31.42 -31.29 7.15
C ALA D 13 -30.25 -30.51 7.72
N LEU D 14 -30.20 -29.21 7.49
CA LEU D 14 -29.11 -28.37 7.94
C LEU D 14 -29.48 -27.73 9.26
N ARG D 15 -28.60 -27.87 10.24
CA ARG D 15 -28.77 -27.24 11.56
C ARG D 15 -27.54 -26.43 11.90
N LEU D 16 -27.74 -25.18 12.32
CA LEU D 16 -26.69 -24.37 12.94
C LEU D 16 -26.95 -24.37 14.45
N GLU D 17 -26.01 -24.91 15.22
CA GLU D 17 -26.29 -25.09 16.64
C GLU D 17 -25.21 -24.41 17.49
N PRO D 18 -25.55 -23.96 18.70
CA PRO D 18 -24.54 -23.32 19.56
C PRO D 18 -23.38 -24.27 19.84
N MET D 19 -22.18 -23.73 19.65
CA MET D 19 -20.95 -24.48 19.84
C MET D 19 -20.71 -24.69 21.33
N VAL D 20 -20.19 -25.86 21.67
CA VAL D 20 -19.88 -26.18 23.06
C VAL D 20 -18.48 -26.80 23.09
N GLU D 21 -17.89 -26.83 24.28
CA GLU D 21 -16.49 -27.25 24.41
C GLU D 21 -16.26 -28.63 23.83
N ALA D 22 -17.23 -29.54 23.96
CA ALA D 22 -17.03 -30.90 23.48
C ALA D 22 -16.91 -30.96 21.96
N ASP D 23 -17.36 -29.91 21.26
CA ASP D 23 -17.29 -29.91 19.81
C ASP D 23 -15.88 -29.66 19.32
N VAL D 24 -15.05 -29.00 20.12
CA VAL D 24 -13.81 -28.44 19.58
C VAL D 24 -12.86 -29.50 19.05
N PRO D 25 -12.55 -30.59 19.77
CA PRO D 25 -11.63 -31.60 19.16
C PRO D 25 -12.10 -32.10 17.81
N GLU D 26 -13.41 -32.31 17.63
CA GLU D 26 -13.91 -32.79 16.34
C GLU D 26 -13.76 -31.73 15.25
N LEU D 27 -14.00 -30.46 15.59
CA LEU D 27 -13.82 -29.39 14.62
C LEU D 27 -12.36 -29.28 14.19
N VAL D 28 -11.44 -29.36 15.15
CA VAL D 28 -10.02 -29.26 14.84
C VAL D 28 -9.57 -30.43 13.96
N GLU D 29 -10.04 -31.64 14.24
CA GLU D 29 -9.67 -32.78 13.40
C GLU D 29 -10.25 -32.65 12.00
N LEU D 30 -11.48 -32.16 11.88
CA LEU D 30 -12.04 -31.91 10.55
C LEU D 30 -11.26 -30.81 9.83
N ALA D 31 -10.87 -29.76 10.55
CA ALA D 31 -10.07 -28.71 9.93
C ALA D 31 -8.74 -29.26 9.42
N ASP D 32 -8.11 -30.13 10.20
CA ASP D 32 -6.87 -30.76 9.73
C ASP D 32 -7.10 -31.50 8.41
N ALA D 33 -8.20 -32.24 8.33
CA ALA D 33 -8.51 -33.00 7.13
C ALA D 33 -8.86 -32.10 5.95
N ASN D 34 -9.22 -30.85 6.20
CA ASN D 34 -9.50 -29.91 5.12
C ASN D 34 -8.47 -28.78 5.03
N ARG D 35 -7.27 -29.01 5.56
CA ARG D 35 -6.23 -28.00 5.59
C ARG D 35 -6.07 -27.32 4.23
N GLU D 36 -6.23 -28.08 3.16
CA GLU D 36 -6.01 -27.53 1.83
C GLU D 36 -6.92 -26.34 1.54
N VAL D 37 -8.19 -26.42 1.91
CA VAL D 37 -9.10 -25.33 1.57
C VAL D 37 -9.16 -24.25 2.66
N LEU D 38 -8.48 -24.46 3.78
CA LEU D 38 -8.57 -23.52 4.89
C LEU D 38 -7.38 -22.58 4.95
N GLN D 39 -6.59 -22.51 3.88
CA GLN D 39 -5.29 -21.85 3.93
C GLN D 39 -5.38 -20.33 4.05
N TYR D 40 -6.53 -19.75 3.75
CA TYR D 40 -6.70 -18.32 3.83
C TYR D 40 -7.25 -17.88 5.18
N MET D 41 -7.53 -18.83 6.08
CA MET D 41 -8.07 -18.49 7.38
C MET D 41 -6.96 -18.46 8.39
N SER D 42 -7.12 -17.60 9.37
CA SER D 42 -6.26 -17.58 10.53
C SER D 42 -6.88 -18.55 11.55
N ALA D 43 -6.17 -19.54 11.86
CA ALA D 43 -6.39 -20.36 13.03
C ALA D 43 -7.57 -21.32 13.08
N PRO D 44 -8.13 -21.77 11.96
CA PRO D 44 -9.18 -22.80 12.09
C PRO D 44 -8.62 -24.13 12.55
N GLN D 45 -7.31 -24.33 12.46
CA GLN D 45 -6.69 -25.53 13.00
C GLN D 45 -6.38 -25.42 14.49
N ARG D 46 -6.65 -24.27 15.10
CA ARG D 46 -6.22 -24.04 16.47
C ARG D 46 -7.38 -24.20 17.43
N PRO D 47 -7.26 -25.06 18.45
CA PRO D 47 -8.38 -25.18 19.42
C PRO D 47 -8.77 -23.87 20.11
N ASP D 48 -7.79 -23.02 20.43
CA ASP D 48 -8.10 -21.80 21.16
C ASP D 48 -8.94 -20.82 20.33
N TRP D 49 -8.92 -20.92 19.00
CA TRP D 49 -9.79 -20.06 18.20
C TRP D 49 -11.26 -20.35 18.51
N TYR D 50 -11.61 -21.63 18.65
CA TYR D 50 -12.97 -22.01 19.04
C TYR D 50 -13.23 -21.73 20.52
N ARG D 51 -12.35 -22.18 21.41
CA ARG D 51 -12.60 -22.01 22.83
C ARG D 51 -12.74 -20.54 23.22
N GLN D 52 -12.00 -19.66 22.55
CA GLN D 52 -12.17 -18.24 22.89
C GLN D 52 -13.52 -17.74 22.42
N ALA D 53 -14.05 -18.25 21.31
CA ALA D 53 -15.40 -17.88 20.90
C ALA D 53 -16.43 -18.33 21.91
N ILE D 54 -16.26 -19.54 22.44
CA ILE D 54 -17.16 -20.04 23.48
C ILE D 54 -17.08 -19.15 24.71
N ALA D 55 -15.86 -18.76 25.10
CA ALA D 55 -15.68 -17.88 26.25
C ALA D 55 -16.32 -16.52 26.00
N ASP D 56 -16.12 -15.98 24.79
CA ASP D 56 -16.68 -14.68 24.42
C ASP D 56 -18.20 -14.69 24.51
N GLN D 57 -18.82 -15.82 24.19
CA GLN D 57 -20.28 -15.89 24.25
C GLN D 57 -20.77 -15.65 25.66
N ARG D 58 -20.05 -16.18 26.65
CA ARG D 58 -20.38 -15.93 28.05
C ARG D 58 -20.51 -14.42 28.33
N GLU D 59 -19.68 -13.62 27.69
CA GLU D 59 -19.70 -12.19 27.86
C GLU D 59 -20.62 -11.50 26.86
N GLY D 60 -21.28 -12.24 25.99
CA GLY D 60 -22.17 -11.62 25.03
C GLY D 60 -21.49 -11.05 23.80
N ARG D 61 -20.26 -11.47 23.50
CA ARG D 61 -19.42 -10.85 22.48
C ARG D 61 -19.34 -11.69 21.21
N ALA D 62 -19.88 -12.91 21.26
CA ALA D 62 -19.84 -13.79 20.09
C ALA D 62 -20.94 -14.82 20.23
N LEU D 63 -21.30 -15.42 19.10
CA LEU D 63 -22.20 -16.59 19.11
C LEU D 63 -21.64 -17.60 18.11
N PRO D 64 -20.75 -18.48 18.55
CA PRO D 64 -20.19 -19.50 17.63
C PRO D 64 -21.18 -20.62 17.41
N LEU D 65 -21.27 -21.07 16.16
CA LEU D 65 -22.20 -22.09 15.72
C LEU D 65 -21.45 -23.25 15.07
N VAL D 66 -22.02 -24.45 15.25
CA VAL D 66 -21.55 -25.64 14.57
C VAL D 66 -22.54 -25.93 13.46
N VAL D 67 -22.04 -26.24 12.27
CA VAL D 67 -22.87 -26.55 11.12
C VAL D 67 -22.98 -28.07 11.07
N ARG D 68 -24.17 -28.61 11.33
CA ARG D 68 -24.41 -30.04 11.22
C ARG D 68 -25.35 -30.29 10.04
N LEU D 69 -25.02 -31.27 9.22
CA LEU D 69 -25.86 -31.71 8.11
C LEU D 69 -26.27 -33.12 8.46
N GLY D 70 -27.56 -33.33 8.68
CA GLY D 70 -27.95 -34.66 9.11
C GLY D 70 -27.23 -35.05 10.38
N ASN D 71 -27.06 -34.09 11.28
CA ASN D 71 -26.42 -34.31 12.58
C ASN D 71 -24.96 -34.74 12.44
N ARG D 72 -24.32 -34.34 11.37
CA ARG D 72 -22.91 -34.63 11.15
C ARG D 72 -22.19 -33.30 11.04
N ILE D 73 -21.14 -33.11 11.83
CA ILE D 73 -20.45 -31.82 11.77
C ILE D 73 -19.84 -31.65 10.40
N VAL D 74 -20.11 -30.50 9.76
CA VAL D 74 -19.60 -30.23 8.42
C VAL D 74 -18.86 -28.88 8.34
N GLY D 75 -18.88 -28.13 9.42
CA GLY D 75 -18.18 -26.87 9.45
C GLY D 75 -18.67 -26.00 10.60
N THR D 76 -18.39 -24.72 10.48
CA THR D 76 -18.63 -23.77 11.57
C THR D 76 -18.88 -22.38 10.99
N THR D 77 -19.41 -21.50 11.83
CA THR D 77 -19.65 -20.10 11.47
C THR D 77 -20.05 -19.40 12.76
N ARG D 78 -20.05 -18.07 12.75
CA ARG D 78 -20.24 -17.38 14.02
C ARG D 78 -20.68 -15.95 13.76
N PHE D 79 -21.50 -15.45 14.67
CA PHE D 79 -21.80 -14.04 14.79
C PHE D 79 -20.76 -13.44 15.73
N LEU D 80 -20.23 -12.28 15.36
CA LEU D 80 -19.28 -11.61 16.26
C LEU D 80 -19.34 -10.11 16.04
N ASP D 81 -18.43 -9.36 16.68
CA ASP D 81 -18.33 -7.90 16.54
C ASP D 81 -19.69 -7.20 16.65
N PHE D 82 -20.36 -7.48 17.76
CA PHE D 82 -21.64 -6.84 18.01
C PHE D 82 -21.44 -5.37 18.36
N MET D 83 -22.29 -4.53 17.77
CA MET D 83 -22.31 -3.09 17.98
C MET D 83 -23.70 -2.78 18.52
N PRO D 84 -23.90 -2.85 19.83
CA PRO D 84 -25.27 -2.95 20.36
C PRO D 84 -26.11 -1.69 20.19
N ALA D 85 -25.49 -0.52 20.07
CA ALA D 85 -26.23 0.72 19.92
C ALA D 85 -26.80 0.91 18.50
N LEU D 86 -26.39 0.13 17.52
CA LEU D 86 -26.87 0.40 16.16
C LEU D 86 -28.21 -0.25 15.89
N PRO D 87 -28.35 -1.58 16.04
CA PRO D 87 -27.41 -2.65 16.40
C PRO D 87 -26.86 -3.22 15.07
N ALA D 88 -25.70 -3.87 15.17
CA ALA D 88 -24.97 -4.32 14.01
C ALA D 88 -24.11 -5.50 14.44
N CYS D 89 -23.71 -6.29 13.46
CA CYS D 89 -22.81 -7.38 13.80
C CYS D 89 -22.08 -7.83 12.54
N GLU D 90 -21.20 -8.79 12.74
CA GLU D 90 -20.47 -9.46 11.67
C GLU D 90 -20.88 -10.93 11.61
N ILE D 91 -20.97 -11.45 10.38
CA ILE D 91 -20.98 -12.89 10.16
C ILE D 91 -19.58 -13.28 9.74
N GLY D 92 -18.92 -14.15 10.51
CA GLY D 92 -17.53 -14.45 10.18
C GLY D 92 -17.12 -15.85 10.58
N GLY D 93 -15.84 -16.17 10.45
CA GLY D 93 -15.38 -17.45 10.94
C GLY D 93 -16.05 -18.62 10.27
N THR D 94 -16.46 -18.49 9.01
CA THR D 94 -17.18 -19.57 8.33
C THR D 94 -16.23 -20.52 7.61
N TRP D 95 -16.37 -21.81 7.86
CA TRP D 95 -15.75 -22.73 6.91
C TRP D 95 -16.58 -23.99 6.82
N LEU D 96 -16.51 -24.62 5.67
CA LEU D 96 -17.15 -25.90 5.44
C LEU D 96 -16.14 -26.88 4.87
N GLU D 97 -16.29 -28.17 5.19
CA GLU D 97 -15.45 -29.18 4.56
C GLU D 97 -15.56 -29.10 3.04
N GLN D 98 -14.49 -29.47 2.36
CA GLN D 98 -14.41 -29.28 0.92
C GLN D 98 -15.59 -29.92 0.19
N SER D 99 -16.06 -31.07 0.69
CA SER D 99 -17.09 -31.83 0.01
C SER D 99 -18.42 -31.09 -0.04
N GLN D 100 -18.56 -30.00 0.71
CA GLN D 100 -19.77 -29.21 0.70
C GLN D 100 -19.63 -27.92 -0.08
N HIS D 101 -18.45 -27.58 -0.58
CA HIS D 101 -18.33 -26.41 -1.42
C HIS D 101 -19.15 -26.55 -2.70
N GLY D 102 -19.95 -25.52 -2.95
CA GLY D 102 -20.78 -25.48 -4.14
C GLY D 102 -22.04 -26.32 -4.07
N MET D 103 -22.36 -26.90 -2.91
CA MET D 103 -23.52 -27.77 -2.73
C MET D 103 -24.70 -27.04 -2.11
N GLY D 104 -24.65 -25.71 -2.08
CA GLY D 104 -25.77 -24.87 -1.65
C GLY D 104 -25.84 -24.62 -0.16
N LEU D 105 -24.97 -25.22 0.63
CA LEU D 105 -25.13 -25.10 2.08
C LEU D 105 -24.84 -23.69 2.53
N ASN D 106 -23.81 -23.10 1.97
CA ASN D 106 -23.45 -21.74 2.35
C ASN D 106 -24.63 -20.79 2.19
N ALA D 107 -25.30 -20.83 1.04
CA ALA D 107 -26.45 -19.95 0.84
C ALA D 107 -27.50 -20.14 1.93
N SER D 108 -27.81 -21.41 2.26
CA SER D 108 -28.79 -21.68 3.30
C SER D 108 -28.32 -21.16 4.64
N MET D 109 -27.05 -21.37 4.99
CA MET D 109 -26.57 -20.84 6.27
C MET D 109 -26.67 -19.31 6.34
N LYS D 110 -26.20 -18.64 5.28
CA LYS D 110 -26.22 -17.20 5.26
C LYS D 110 -27.65 -16.68 5.31
N TYR D 111 -28.59 -17.33 4.62
CA TYR D 111 -29.99 -16.93 4.72
C TYR D 111 -30.47 -17.02 6.16
N LEU D 112 -30.22 -18.16 6.80
CA LEU D 112 -30.69 -18.35 8.16
C LEU D 112 -30.12 -17.29 9.12
N MET D 113 -28.81 -17.03 9.04
CA MET D 113 -28.16 -16.06 9.91
C MET D 113 -28.60 -14.62 9.62
N LEU D 114 -28.71 -14.28 8.33
CA LEU D 114 -29.11 -12.94 8.01
C LEU D 114 -30.56 -12.68 8.38
N ARG D 115 -31.44 -13.67 8.21
CA ARG D 115 -32.82 -13.53 8.66
C ARG D 115 -32.90 -13.26 10.16
N HIS D 116 -32.16 -14.03 10.96
CA HIS D 116 -32.14 -13.76 12.40
C HIS D 116 -31.63 -12.35 12.67
N ALA D 117 -30.52 -11.97 12.04
CA ALA D 117 -29.92 -10.66 12.29
C ALA D 117 -30.88 -9.52 11.98
N PHE D 118 -31.51 -9.58 10.81
CA PHE D 118 -32.35 -8.47 10.39
C PHE D 118 -33.76 -8.58 10.93
N ASP D 119 -34.35 -9.75 10.91
CA ASP D 119 -35.76 -9.81 11.31
C ASP D 119 -35.92 -9.95 12.82
N SER D 120 -35.04 -10.70 13.51
CA SER D 120 -35.18 -10.86 14.95
C SER D 120 -34.41 -9.78 15.73
N TRP D 121 -33.14 -9.61 15.41
CA TRP D 121 -32.34 -8.62 16.10
C TRP D 121 -32.58 -7.19 15.64
N GLN D 122 -33.23 -6.99 14.49
CA GLN D 122 -33.56 -5.65 13.97
C GLN D 122 -32.29 -4.86 13.67
N MET D 123 -31.28 -5.54 13.12
CA MET D 123 -29.99 -4.92 12.84
C MET D 123 -30.04 -4.00 11.61
N VAL D 124 -29.23 -2.95 11.65
CA VAL D 124 -29.17 -1.98 10.55
C VAL D 124 -28.01 -2.27 9.64
N ARG D 125 -27.11 -3.18 10.04
CA ARG D 125 -25.90 -3.50 9.30
C ARG D 125 -25.39 -4.85 9.76
N VAL D 126 -25.08 -5.72 8.79
CA VAL D 126 -24.38 -6.99 9.00
C VAL D 126 -23.17 -6.97 8.07
N GLN D 127 -21.96 -7.11 8.62
CA GLN D 127 -20.76 -7.06 7.77
C GLN D 127 -20.14 -8.45 7.62
N LEU D 128 -19.35 -8.59 6.57
CA LEU D 128 -18.64 -9.82 6.28
C LEU D 128 -17.29 -9.45 5.73
N LYS D 129 -16.24 -10.16 6.10
CA LYS D 129 -14.94 -9.85 5.56
C LYS D 129 -14.15 -11.11 5.31
N THR D 130 -13.20 -11.03 4.38
CA THR D 130 -12.45 -12.22 4.04
C THR D 130 -11.11 -11.76 3.50
N ALA D 131 -10.15 -12.67 3.39
CA ALA D 131 -8.83 -12.26 2.92
C ALA D 131 -8.91 -11.80 1.47
N ALA D 132 -8.10 -10.79 1.15
CA ALA D 132 -7.96 -10.34 -0.24
C ALA D 132 -7.40 -11.44 -1.15
N SER D 133 -6.70 -12.42 -0.60
CA SER D 133 -6.19 -13.52 -1.41
C SER D 133 -7.17 -14.69 -1.52
N ASN D 134 -8.37 -14.56 -0.93
CA ASN D 134 -9.36 -15.65 -0.88
C ASN D 134 -10.51 -15.32 -1.84
N LEU D 135 -10.28 -15.62 -3.12
CA LEU D 135 -11.26 -15.17 -4.10
C LEU D 135 -12.53 -16.01 -4.09
N ARG D 136 -12.46 -17.28 -3.71
CA ARG D 136 -13.70 -18.06 -3.65
C ARG D 136 -14.67 -17.48 -2.61
N SER D 137 -14.14 -17.11 -1.44
CA SER D 137 -14.96 -16.46 -0.42
C SER D 137 -15.51 -15.12 -0.91
N GLN D 138 -14.68 -14.28 -1.50
CA GLN D 138 -15.19 -13.03 -2.06
C GLN D 138 -16.35 -13.29 -3.02
N ARG D 139 -16.20 -14.25 -3.93
CA ARG D 139 -17.26 -14.49 -4.90
C ARG D 139 -18.54 -14.93 -4.21
N ALA D 140 -18.40 -15.78 -3.20
CA ALA D 140 -19.60 -16.27 -2.50
C ALA D 140 -20.26 -15.16 -1.71
N ILE D 141 -19.47 -14.28 -1.08
CA ILE D 141 -20.08 -13.11 -0.45
C ILE D 141 -20.74 -12.20 -1.49
N GLU D 142 -20.08 -11.95 -2.63
CA GLU D 142 -20.67 -11.16 -3.72
C GLU D 142 -22.00 -11.75 -4.20
N LYS D 143 -22.12 -13.09 -4.22
CA LYS D 143 -23.34 -13.71 -4.72
C LYS D 143 -24.52 -13.43 -3.81
N LEU D 144 -24.26 -13.07 -2.55
CA LEU D 144 -25.32 -12.68 -1.63
C LEU D 144 -25.85 -11.30 -1.97
N GLY D 145 -25.08 -10.48 -2.66
CA GLY D 145 -25.46 -9.09 -2.88
C GLY D 145 -24.92 -8.14 -1.86
N ALA D 146 -24.08 -8.63 -0.95
CA ALA D 146 -23.38 -7.73 -0.05
C ALA D 146 -22.57 -6.74 -0.86
N VAL D 147 -22.49 -5.49 -0.37
CA VAL D 147 -21.77 -4.41 -1.04
C VAL D 147 -20.32 -4.36 -0.57
N ARG D 148 -19.40 -4.23 -1.52
CA ARG D 148 -17.99 -4.15 -1.18
C ARG D 148 -17.66 -2.73 -0.71
N GLU D 149 -17.31 -2.59 0.56
CA GLU D 149 -17.02 -1.28 1.11
C GLU D 149 -15.57 -0.86 0.92
N GLY D 150 -14.62 -1.79 0.92
CA GLY D 150 -13.25 -1.42 0.64
C GLY D 150 -12.29 -2.49 1.13
N VAL D 151 -10.99 -2.16 1.01
CA VAL D 151 -9.88 -3.06 1.31
C VAL D 151 -9.14 -2.50 2.50
N LEU D 152 -9.06 -3.28 3.57
CA LEU D 152 -8.35 -2.95 4.78
C LEU D 152 -6.93 -3.54 4.73
N ARG D 153 -5.95 -2.68 4.77
CA ARG D 153 -4.57 -3.10 4.63
C ARG D 153 -4.00 -3.66 5.93
N ASN D 154 -3.12 -4.67 5.77
CA ASN D 154 -2.36 -5.24 6.89
C ASN D 154 -3.31 -5.66 8.02
N HIS D 155 -4.35 -6.40 7.68
CA HIS D 155 -5.50 -6.54 8.58
C HIS D 155 -5.74 -7.97 9.07
N ARG D 156 -4.98 -8.93 8.55
CA ARG D 156 -5.14 -10.31 8.94
C ARG D 156 -3.86 -11.08 8.67
N ARG D 157 -3.82 -12.32 9.16
CA ARG D 157 -2.80 -13.27 8.77
C ARG D 157 -3.47 -14.51 8.19
N LEU D 158 -2.86 -15.05 7.15
CA LEU D 158 -3.28 -16.29 6.53
C LEU D 158 -2.82 -17.47 7.41
N ALA D 159 -3.21 -18.67 7.01
CA ALA D 159 -3.07 -19.81 7.91
C ALA D 159 -1.63 -19.98 8.40
N GLY D 160 -0.69 -19.79 7.52
CA GLY D 160 0.70 -20.00 7.82
C GLY D 160 1.43 -18.79 8.34
N GLY D 161 0.72 -17.68 8.55
CA GLY D 161 1.30 -16.52 9.20
C GLY D 161 1.49 -15.30 8.35
N ARG D 162 1.34 -15.40 7.02
CA ARG D 162 1.66 -14.26 6.17
C ARG D 162 0.59 -13.19 6.28
N LEU D 163 1.01 -11.94 6.29
CA LEU D 163 0.09 -10.83 6.40
C LEU D 163 -0.67 -10.65 5.09
N ASP D 164 -1.95 -10.29 5.20
CA ASP D 164 -2.73 -10.06 4.00
C ASP D 164 -3.67 -8.92 4.31
N ASP D 165 -4.32 -8.40 3.27
CA ASP D 165 -5.36 -7.41 3.45
C ASP D 165 -6.70 -8.11 3.59
N SER D 166 -7.72 -7.38 4.07
CA SER D 166 -9.08 -7.90 4.12
C SER D 166 -9.93 -7.15 3.09
N VAL D 167 -10.92 -7.84 2.52
CA VAL D 167 -11.98 -7.17 1.77
C VAL D 167 -13.23 -7.14 2.63
N LEU D 168 -13.81 -5.96 2.80
CA LEU D 168 -14.92 -5.76 3.72
C LEU D 168 -16.19 -5.49 2.94
N TYR D 169 -17.26 -6.20 3.32
CA TYR D 169 -18.57 -6.05 2.70
C TYR D 169 -19.63 -5.79 3.75
N SER D 170 -20.78 -5.27 3.35
CA SER D 170 -21.90 -5.26 4.29
C SER D 170 -23.24 -5.31 3.58
N ILE D 171 -24.27 -5.64 4.34
CA ILE D 171 -25.68 -5.55 3.91
C ILE D 171 -26.37 -4.61 4.90
N THR D 172 -27.12 -3.64 4.41
CA THR D 172 -27.89 -2.79 5.29
C THR D 172 -29.34 -3.27 5.39
N ASP D 173 -30.04 -2.78 6.42
CA ASP D 173 -31.44 -3.14 6.59
C ASP D 173 -32.24 -2.75 5.35
N HIS D 174 -31.85 -1.65 4.71
CA HIS D 174 -32.62 -1.28 3.53
C HIS D 174 -32.31 -2.19 2.34
N GLU D 175 -31.14 -2.82 2.31
CA GLU D 175 -30.80 -3.80 1.27
C GLU D 175 -31.34 -5.20 1.58
N TRP D 176 -31.54 -5.53 2.84
CA TRP D 176 -31.96 -6.88 3.22
C TRP D 176 -33.17 -7.37 2.46
N PRO D 177 -34.22 -6.58 2.24
CA PRO D 177 -35.38 -7.19 1.56
C PRO D 177 -35.05 -7.72 0.18
N GLN D 178 -34.14 -7.07 -0.55
CA GLN D 178 -33.72 -7.57 -1.85
C GLN D 178 -32.76 -8.74 -1.76
N VAL D 179 -31.82 -8.70 -0.81
CA VAL D 179 -30.98 -9.86 -0.49
C VAL D 179 -31.84 -11.07 -0.12
N LYS D 180 -32.83 -10.87 0.77
CA LYS D 180 -33.68 -11.98 1.19
C LYS D 180 -34.37 -12.61 -0.01
N ALA D 181 -34.93 -11.78 -0.90
CA ALA D 181 -35.71 -12.34 -1.98
C ALA D 181 -34.83 -13.06 -3.00
N ALA D 182 -33.62 -12.56 -3.21
CA ALA D 182 -32.71 -13.21 -4.14
C ALA D 182 -32.27 -14.54 -3.58
N LEU D 183 -32.05 -14.62 -2.26
CA LEU D 183 -31.73 -15.91 -1.67
C LEU D 183 -32.90 -16.88 -1.80
N GLU D 184 -34.12 -16.41 -1.51
CA GLU D 184 -35.30 -17.25 -1.66
C GLU D 184 -35.52 -17.65 -3.12
N ALA D 185 -35.13 -16.80 -4.07
CA ALA D 185 -35.26 -17.17 -5.48
C ALA D 185 -34.42 -18.38 -5.83
N GLY D 186 -33.40 -18.68 -5.02
CA GLY D 186 -32.56 -19.83 -5.23
C GLY D 186 -32.95 -21.05 -4.45
N PHE D 187 -34.04 -20.98 -3.70
CA PHE D 187 -34.54 -22.07 -2.88
C PHE D 187 -35.80 -22.66 -3.49
N SER D 188 -36.04 -23.93 -3.20
CA SER D 188 -37.39 -24.49 -3.08
C SER D 188 -37.24 -26.00 -2.84
#